data_9ESA
#
_entry.id   9ESA
#
_cell.length_a   79.280
_cell.length_b   79.490
_cell.length_c   265.240
_cell.angle_alpha   90.000
_cell.angle_beta   90.000
_cell.angle_gamma   90.000
#
_symmetry.space_group_name_H-M   'C 2 2 21'
#
loop_
_entity.id
_entity.type
_entity.pdbx_description
1 polymer 'Aurora kinase C'
2 polymer 'Inner centromere protein'
3 non-polymer 1,2-ETHANEDIOL
4 water water
#
loop_
_entity_poly.entity_id
_entity_poly.type
_entity_poly.pdbx_seq_one_letter_code
_entity_poly.pdbx_strand_id
1 'polypeptide(L)'
;HHHHHHAQPAGEELATANQTAQQPSSPAMRRLTVDDFEIGRPLGKGKFGNVYLARLKESHFIVALKVLFKSQIEKEGLEH
QLRREIEIQAHLQHPNILRLYNYFHDARRVYLILEYAPRGELYKELQKSEKLDEQRTATIIEELADALTYCHDKKVIHRD
IKPENLLLGFRGEVKIADFGWSVHTPSLAAATMCGTLDYLPPEMIEGRTYDEKVDLWCIGVLCYELLVGYPPFESASHSE
TYRRILKVDVRFPLSMPLGARDLISRLLRYQPLERLPLAQILKHPWVQAHSRRVLPPCAQMAS
;
AAA,BBB
2 'polypeptide(L)' DEAHPRKPIPTWARGTPLSQAIIHQYYHPPNLLELFGTILPLDLEDIFKKSKPRYHKR CCC,DDD
#
# COMPACT_ATOMS: atom_id res chain seq x y z
N SER A 26 22.55 -4.69 2.74
CA SER A 26 21.57 -3.63 3.11
C SER A 26 22.29 -2.48 3.84
N PRO A 27 22.73 -1.42 3.13
CA PRO A 27 23.44 -0.29 3.76
C PRO A 27 22.52 0.56 4.65
N ALA A 28 21.84 1.57 4.12
CA ALA A 28 20.85 2.40 4.85
C ALA A 28 19.78 2.91 3.87
N MET A 29 19.28 1.99 3.02
CA MET A 29 18.28 2.27 1.96
C MET A 29 17.00 1.49 2.28
N ARG A 30 17.02 0.16 2.13
CA ARG A 30 15.96 -0.79 2.60
C ARG A 30 14.54 -0.26 2.30
N ARG A 31 14.32 0.39 1.15
CA ARG A 31 12.97 0.83 0.71
C ARG A 31 12.31 -0.37 0.05
N LEU A 32 11.19 -0.85 0.58
CA LEU A 32 10.56 -2.12 0.12
C LEU A 32 9.41 -1.81 -0.83
N THR A 33 9.11 -2.75 -1.71
CA THR A 33 7.93 -2.75 -2.62
C THR A 33 7.30 -4.13 -2.56
N VAL A 34 6.15 -4.31 -3.21
CA VAL A 34 5.41 -5.60 -3.26
C VAL A 34 6.27 -6.63 -4.02
N ASP A 35 7.18 -6.19 -4.88
CA ASP A 35 8.08 -7.08 -5.66
C ASP A 35 9.09 -7.77 -4.74
N ASP A 36 9.25 -7.28 -3.50
CA ASP A 36 10.19 -7.82 -2.48
C ASP A 36 9.51 -8.93 -1.66
N PHE A 37 8.20 -9.16 -1.83
CA PHE A 37 7.41 -10.17 -1.07
C PHE A 37 6.93 -11.30 -1.99
N GLU A 38 6.88 -12.53 -1.48
CA GLU A 38 6.10 -13.67 -2.04
C GLU A 38 4.83 -13.80 -1.18
N ILE A 39 3.65 -13.81 -1.81
CA ILE A 39 2.35 -13.86 -1.09
C ILE A 39 1.90 -15.32 -0.97
N GLY A 40 1.35 -15.65 0.20
CA GLY A 40 1.07 -17.04 0.63
C GLY A 40 -0.41 -17.35 0.61
N ARG A 41 -1.19 -16.68 1.46
CA ARG A 41 -2.61 -17.02 1.72
C ARG A 41 -3.32 -15.85 2.41
N PRO A 42 -4.60 -15.60 2.11
CA PRO A 42 -5.41 -14.63 2.86
C PRO A 42 -5.58 -14.98 4.34
N LEU A 43 -5.17 -14.09 5.25
CA LEU A 43 -5.30 -14.31 6.73
C LEU A 43 -6.63 -13.74 7.23
N GLY A 44 -7.28 -12.84 6.50
CA GLY A 44 -8.58 -12.28 6.91
C GLY A 44 -8.83 -10.91 6.31
N LYS A 45 -10.05 -10.39 6.51
CA LYS A 45 -10.53 -9.11 5.95
C LYS A 45 -10.75 -8.11 7.09
N GLY A 46 -10.04 -6.98 7.06
CA GLY A 46 -10.27 -5.83 7.95
C GLY A 46 -11.30 -4.89 7.36
N LYS A 47 -11.64 -3.82 8.08
CA LYS A 47 -12.59 -2.78 7.62
C LYS A 47 -12.04 -2.13 6.35
N PHE A 48 -10.74 -1.78 6.35
CA PHE A 48 -10.09 -0.92 5.32
C PHE A 48 -9.50 -1.80 4.22
N GLY A 49 -8.99 -2.99 4.57
CA GLY A 49 -8.49 -3.96 3.60
C GLY A 49 -8.00 -5.26 4.22
N ASN A 50 -7.66 -6.22 3.37
CA ASN A 50 -7.29 -7.63 3.69
C ASN A 50 -5.88 -7.72 4.26
N VAL A 51 -5.59 -8.79 5.00
CA VAL A 51 -4.24 -9.14 5.53
C VAL A 51 -3.81 -10.49 4.94
N TYR A 52 -2.65 -10.51 4.29
CA TYR A 52 -2.10 -11.71 3.61
C TYR A 52 -0.83 -12.16 4.35
N LEU A 53 -0.74 -13.44 4.65
CA LEU A 53 0.54 -14.10 4.99
C LEU A 53 1.47 -13.93 3.79
N ALA A 54 2.65 -13.36 4.01
CA ALA A 54 3.70 -13.14 2.98
C ALA A 54 5.07 -13.35 3.62
N ARG A 55 6.10 -13.47 2.78
CA ARG A 55 7.52 -13.57 3.23
C ARG A 55 8.42 -12.78 2.27
N LEU A 56 9.46 -12.14 2.80
CA LEU A 56 10.51 -11.46 2.00
C LEU A 56 11.20 -12.48 1.09
N LYS A 57 11.39 -12.16 -0.19
CA LYS A 57 12.00 -13.07 -1.19
C LYS A 57 13.41 -13.44 -0.73
N GLU A 58 14.18 -12.42 -0.34
CA GLU A 58 15.64 -12.50 -0.07
C GLU A 58 15.89 -13.29 1.23
N SER A 59 15.29 -12.85 2.35
CA SER A 59 15.56 -13.38 3.71
C SER A 59 14.61 -14.54 4.06
N HIS A 60 13.46 -14.65 3.40
CA HIS A 60 12.39 -15.65 3.68
C HIS A 60 11.75 -15.40 5.06
N PHE A 61 11.77 -14.16 5.56
CA PHE A 61 11.18 -13.77 6.87
C PHE A 61 9.67 -13.58 6.71
N ILE A 62 8.87 -14.46 7.31
CA ILE A 62 7.37 -14.42 7.30
C ILE A 62 6.88 -13.16 8.02
N VAL A 63 6.00 -12.40 7.38
CA VAL A 63 5.27 -11.23 7.97
C VAL A 63 3.77 -11.39 7.68
N ALA A 64 2.93 -10.56 8.33
CA ALA A 64 1.50 -10.34 7.97
C ALA A 64 1.38 -9.02 7.22
N LEU A 65 1.10 -9.08 5.92
CA LEU A 65 1.02 -7.88 5.04
C LEU A 65 -0.43 -7.38 5.02
N LYS A 66 -0.65 -6.15 5.50
CA LYS A 66 -2.01 -5.52 5.49
C LYS A 66 -2.06 -4.48 4.38
N VAL A 67 -2.96 -4.73 3.40
CA VAL A 67 -3.21 -3.89 2.20
C VAL A 67 -4.39 -2.96 2.49
N LEU A 68 -4.12 -1.67 2.70
CA LEU A 68 -5.14 -0.59 2.85
C LEU A 68 -5.48 -0.01 1.47
N PHE A 69 -6.77 0.25 1.20
CA PHE A 69 -7.21 1.09 0.04
C PHE A 69 -7.06 2.56 0.43
N LYS A 70 -6.25 3.31 -0.33
CA LYS A 70 -5.99 4.75 -0.06
C LYS A 70 -7.32 5.50 0.06
N SER A 71 -8.26 5.23 -0.87
CA SER A 71 -9.60 5.86 -0.99
C SER A 71 -10.42 5.69 0.29
N GLN A 72 -10.22 4.59 1.03
CA GLN A 72 -10.99 4.27 2.26
C GLN A 72 -10.47 5.08 3.44
N ILE A 73 -9.16 5.30 3.55
CA ILE A 73 -8.58 6.04 4.72
C ILE A 73 -8.82 7.54 4.49
N GLU A 74 -8.85 7.99 3.23
CA GLU A 74 -9.23 9.36 2.81
C GLU A 74 -10.70 9.64 3.17
N LYS A 75 -11.60 8.74 2.76
CA LYS A 75 -13.06 8.83 3.01
C LYS A 75 -13.30 9.08 4.50
N GLU A 76 -12.65 8.31 5.37
CA GLU A 76 -12.90 8.26 6.83
C GLU A 76 -12.14 9.39 7.53
N GLY A 77 -11.26 10.11 6.81
CA GLY A 77 -10.48 11.24 7.33
C GLY A 77 -9.47 10.81 8.39
N LEU A 78 -8.81 9.67 8.18
CA LEU A 78 -7.84 9.07 9.14
C LEU A 78 -6.41 9.25 8.63
N GLU A 79 -6.12 10.33 7.91
CA GLU A 79 -4.75 10.59 7.37
C GLU A 79 -3.80 10.84 8.55
N HIS A 80 -4.17 11.73 9.47
CA HIS A 80 -3.39 12.10 10.69
C HIS A 80 -3.23 10.87 11.59
N GLN A 81 -4.33 10.22 11.92
CA GLN A 81 -4.38 9.00 12.79
C GLN A 81 -3.32 8.00 12.31
N LEU A 82 -3.31 7.70 11.01
CA LEU A 82 -2.38 6.72 10.39
C LEU A 82 -0.95 7.23 10.55
N ARG A 83 -0.70 8.52 10.28
CA ARG A 83 0.63 9.17 10.48
C ARG A 83 1.09 8.90 11.91
N ARG A 84 0.20 9.11 12.89
CA ARG A 84 0.49 8.98 14.35
C ARG A 84 0.85 7.52 14.65
N GLU A 85 0.10 6.57 14.08
CA GLU A 85 0.36 5.11 14.21
C GLU A 85 1.82 4.82 13.83
N ILE A 86 2.26 5.35 12.68
CA ILE A 86 3.64 5.14 12.14
C ILE A 86 4.64 5.78 13.11
N GLU A 87 4.41 7.02 13.52
CA GLU A 87 5.30 7.80 14.43
C GLU A 87 5.46 7.06 15.77
N ILE A 88 4.35 6.57 16.35
CA ILE A 88 4.36 5.77 17.61
C ILE A 88 5.21 4.51 17.40
N GLN A 89 4.96 3.78 16.31
CA GLN A 89 5.55 2.43 16.08
C GLN A 89 7.02 2.54 15.70
N ALA A 90 7.47 3.74 15.30
CA ALA A 90 8.87 4.05 14.94
C ALA A 90 9.68 4.40 16.19
N HIS A 91 9.02 4.76 17.29
CA HIS A 91 9.62 5.22 18.57
C HIS A 91 9.42 4.16 19.68
N LEU A 92 8.31 3.42 19.67
CA LEU A 92 7.90 2.49 20.76
C LEU A 92 7.89 1.03 20.27
N GLN A 93 8.26 0.10 21.17
CA GLN A 93 8.25 -1.37 20.93
C GLN A 93 7.82 -2.09 22.21
N HIS A 94 7.10 -3.20 22.09
CA HIS A 94 6.66 -4.06 23.24
C HIS A 94 6.31 -5.46 22.76
N PRO A 95 6.72 -6.53 23.48
CA PRO A 95 6.44 -7.89 23.03
C PRO A 95 4.96 -8.30 23.02
N ASN A 96 4.09 -7.55 23.69
CA ASN A 96 2.63 -7.83 23.77
C ASN A 96 1.82 -6.77 23.03
N ILE A 97 2.48 -5.95 22.19
CA ILE A 97 1.83 -5.05 21.20
C ILE A 97 2.35 -5.47 19.82
N LEU A 98 1.45 -5.84 18.90
CA LEU A 98 1.82 -6.33 17.55
C LEU A 98 2.65 -5.24 16.85
N ARG A 99 3.74 -5.63 16.21
CA ARG A 99 4.75 -4.69 15.67
C ARG A 99 4.40 -4.29 14.23
N LEU A 100 4.64 -3.02 13.90
CA LEU A 100 4.82 -2.56 12.50
C LEU A 100 6.32 -2.52 12.22
N TYR A 101 6.82 -3.42 11.36
CA TYR A 101 8.25 -3.48 10.98
C TYR A 101 8.59 -2.27 10.12
N ASN A 102 7.74 -2.01 9.11
CA ASN A 102 7.79 -0.83 8.21
C ASN A 102 6.57 -0.83 7.27
N TYR A 103 6.46 0.19 6.41
CA TYR A 103 5.35 0.39 5.44
C TYR A 103 5.91 0.89 4.11
N PHE A 104 5.19 0.62 3.03
CA PHE A 104 5.40 1.25 1.69
C PHE A 104 4.02 1.62 1.13
N HIS A 105 3.97 2.24 -0.06
CA HIS A 105 2.71 2.68 -0.70
C HIS A 105 2.83 2.70 -2.22
N ASP A 106 1.69 2.46 -2.87
CA ASP A 106 1.45 2.45 -4.35
C ASP A 106 0.62 3.67 -4.71
N ALA A 107 0.25 3.81 -5.99
CA ALA A 107 -0.72 4.77 -6.52
C ALA A 107 -2.09 4.59 -5.84
N ARG A 108 -2.50 3.33 -5.65
CA ARG A 108 -3.84 2.92 -5.13
C ARG A 108 -3.75 2.47 -3.67
N ARG A 109 -2.61 1.91 -3.24
CA ARG A 109 -2.51 1.08 -2.00
C ARG A 109 -1.55 1.72 -0.98
N VAL A 110 -1.79 1.46 0.31
CA VAL A 110 -0.80 1.61 1.42
C VAL A 110 -0.60 0.22 2.04
N TYR A 111 0.64 -0.23 2.18
CA TYR A 111 1.01 -1.55 2.72
C TYR A 111 1.64 -1.38 4.10
N LEU A 112 1.08 -2.04 5.09
CA LEU A 112 1.70 -2.20 6.43
C LEU A 112 2.29 -3.61 6.52
N ILE A 113 3.62 -3.69 6.70
CA ILE A 113 4.36 -4.96 6.99
C ILE A 113 4.27 -5.16 8.50
N LEU A 114 3.41 -6.09 8.95
CA LEU A 114 3.13 -6.31 10.39
C LEU A 114 3.71 -7.64 10.88
N GLU A 115 3.99 -7.72 12.19
CA GLU A 115 4.29 -8.98 12.92
C GLU A 115 3.16 -9.98 12.65
N TYR A 116 3.50 -11.21 12.26
CA TYR A 116 2.56 -12.34 12.04
C TYR A 116 2.31 -13.02 13.39
N ALA A 117 1.03 -13.10 13.79
CA ALA A 117 0.52 -13.81 14.98
C ALA A 117 0.14 -15.24 14.60
N PRO A 118 1.05 -16.23 14.77
CA PRO A 118 0.79 -17.61 14.32
C PRO A 118 -0.47 -18.29 14.89
N ARG A 119 -0.92 -17.92 16.09
CA ARG A 119 -2.06 -18.56 16.80
C ARG A 119 -3.34 -17.72 16.63
N GLY A 120 -3.32 -16.72 15.75
CA GLY A 120 -4.51 -15.97 15.29
C GLY A 120 -5.17 -15.14 16.38
N GLU A 121 -6.50 -15.00 16.30
CA GLU A 121 -7.34 -14.11 17.13
C GLU A 121 -7.63 -14.82 18.47
N LEU A 122 -7.62 -14.06 19.57
CA LEU A 122 -7.88 -14.60 20.94
C LEU A 122 -9.33 -15.09 21.02
N TYR A 123 -10.28 -14.29 20.53
CA TYR A 123 -11.73 -14.62 20.59
C TYR A 123 -11.99 -15.97 19.92
N LYS A 124 -11.30 -16.20 18.80
CA LYS A 124 -11.44 -17.46 18.02
C LYS A 124 -10.86 -18.61 18.85
N GLU A 125 -9.71 -18.40 19.49
CA GLU A 125 -9.06 -19.41 20.38
C GLU A 125 -9.98 -19.72 21.57
N LEU A 126 -10.64 -18.70 22.12
CA LEU A 126 -11.58 -18.83 23.27
C LEU A 126 -12.77 -19.72 22.89
N GLN A 127 -13.43 -19.46 21.76
CA GLN A 127 -14.60 -20.26 21.32
C GLN A 127 -14.19 -21.73 21.19
N LYS A 128 -13.00 -21.98 20.63
CA LYS A 128 -12.44 -23.33 20.39
C LYS A 128 -12.12 -24.00 21.74
N SER A 129 -11.62 -23.23 22.72
CA SER A 129 -11.22 -23.74 24.06
C SER A 129 -12.43 -23.84 24.99
N GLU A 130 -13.56 -23.22 24.63
CA GLU A 130 -14.74 -22.98 25.51
C GLU A 130 -14.35 -21.98 26.62
N LYS A 131 -13.34 -22.32 27.42
CA LYS A 131 -12.79 -21.45 28.50
C LYS A 131 -11.27 -21.65 28.58
N LEU A 132 -10.55 -20.68 29.11
CA LEU A 132 -9.07 -20.76 29.31
C LEU A 132 -8.78 -21.15 30.77
N ASP A 133 -7.82 -22.05 30.98
CA ASP A 133 -7.35 -22.46 32.33
C ASP A 133 -6.79 -21.23 33.03
N GLU A 134 -6.47 -21.35 34.33
CA GLU A 134 -5.98 -20.23 35.17
C GLU A 134 -4.63 -19.75 34.63
N GLN A 135 -3.86 -20.66 34.04
CA GLN A 135 -2.46 -20.42 33.58
C GLN A 135 -2.49 -19.42 32.42
N ARG A 136 -3.21 -19.77 31.33
CA ARG A 136 -3.25 -18.99 30.07
C ARG A 136 -3.87 -17.61 30.33
N THR A 137 -4.93 -17.57 31.13
CA THR A 137 -5.67 -16.35 31.54
C THR A 137 -4.76 -15.38 32.32
N ALA A 138 -4.11 -15.84 33.38
CA ALA A 138 -3.25 -15.02 34.27
C ALA A 138 -1.99 -14.55 33.53
N THR A 139 -1.50 -15.37 32.58
CA THR A 139 -0.35 -15.00 31.71
C THR A 139 -0.76 -13.80 30.84
N ILE A 140 -1.94 -13.84 30.23
CA ILE A 140 -2.48 -12.73 29.39
C ILE A 140 -2.63 -11.47 30.25
N ILE A 141 -3.29 -11.58 31.42
CA ILE A 141 -3.60 -10.43 32.31
C ILE A 141 -2.32 -9.67 32.69
N GLU A 142 -1.23 -10.38 32.98
CA GLU A 142 0.06 -9.73 33.33
C GLU A 142 0.61 -9.07 32.07
N GLU A 143 0.75 -9.85 31.00
CA GLU A 143 1.20 -9.37 29.66
C GLU A 143 0.49 -8.06 29.32
N LEU A 144 -0.84 -8.04 29.41
CA LEU A 144 -1.68 -6.86 29.08
C LEU A 144 -1.41 -5.73 30.08
N ALA A 145 -1.46 -6.02 31.37
CA ALA A 145 -1.17 -5.03 32.42
C ALA A 145 0.18 -4.37 32.13
N ASP A 146 1.15 -5.13 31.61
CA ASP A 146 2.53 -4.62 31.35
C ASP A 146 2.47 -3.68 30.15
N ALA A 147 2.01 -4.20 29.01
CA ALA A 147 1.83 -3.46 27.74
C ALA A 147 1.14 -2.12 28.00
N LEU A 148 0.14 -2.11 28.89
CA LEU A 148 -0.67 -0.90 29.21
C LEU A 148 0.14 0.07 30.08
N THR A 149 0.93 -0.43 31.05
CA THR A 149 1.85 0.39 31.89
C THR A 149 2.81 1.14 30.98
N TYR A 150 3.43 0.41 30.05
CA TYR A 150 4.30 0.97 28.96
C TYR A 150 3.55 2.06 28.20
N CYS A 151 2.31 1.78 27.78
CA CYS A 151 1.50 2.69 26.92
C CYS A 151 1.18 3.99 27.67
N HIS A 152 0.92 3.93 28.98
CA HIS A 152 0.55 5.12 29.82
C HIS A 152 1.82 5.89 30.20
N ASP A 153 2.93 5.20 30.46
CA ASP A 153 4.24 5.83 30.75
C ASP A 153 4.64 6.72 29.56
N LYS A 154 4.55 6.17 28.34
CA LYS A 154 5.01 6.84 27.09
C LYS A 154 3.90 7.78 26.56
N LYS A 155 2.75 7.83 27.24
CA LYS A 155 1.64 8.78 27.03
C LYS A 155 1.12 8.64 25.59
N VAL A 156 0.70 7.43 25.22
CA VAL A 156 0.20 7.09 23.85
C VAL A 156 -1.15 6.36 23.95
N ILE A 157 -2.02 6.56 22.97
CA ILE A 157 -3.30 5.82 22.82
C ILE A 157 -2.96 4.39 22.41
N HIS A 158 -3.84 3.44 22.73
CA HIS A 158 -3.71 2.00 22.39
C HIS A 158 -5.10 1.47 22.00
N ARG A 159 -5.15 0.41 21.19
CA ARG A 159 -6.41 -0.28 20.81
C ARG A 159 -7.08 -0.82 22.07
N ASP A 160 -8.30 -0.37 22.38
CA ASP A 160 -9.12 -0.85 23.51
C ASP A 160 -9.01 -2.38 23.60
N ILE A 161 -8.91 -2.92 24.81
CA ILE A 161 -8.61 -4.36 25.02
C ILE A 161 -9.94 -5.13 25.08
N LYS A 162 -10.03 -6.22 24.30
CA LYS A 162 -11.16 -7.19 24.24
C LYS A 162 -10.75 -8.32 23.29
N PRO A 163 -11.29 -9.54 23.47
CA PRO A 163 -10.76 -10.71 22.77
C PRO A 163 -10.62 -10.52 21.24
N GLU A 164 -11.55 -9.79 20.62
CA GLU A 164 -11.56 -9.51 19.16
C GLU A 164 -10.29 -8.73 18.74
N ASN A 165 -9.86 -7.82 19.62
CA ASN A 165 -8.79 -6.81 19.37
C ASN A 165 -7.41 -7.33 19.78
N LEU A 166 -7.35 -8.59 20.25
CA LEU A 166 -6.11 -9.25 20.76
C LEU A 166 -5.76 -10.43 19.85
N LEU A 167 -4.48 -10.52 19.45
CA LEU A 167 -3.91 -11.65 18.64
C LEU A 167 -2.95 -12.44 19.54
N LEU A 168 -2.49 -13.61 19.07
CA LEU A 168 -1.70 -14.59 19.86
C LEU A 168 -0.40 -14.94 19.12
N GLY A 169 0.74 -14.88 19.83
CA GLY A 169 2.07 -15.31 19.32
C GLY A 169 2.21 -16.83 19.25
N PHE A 170 3.40 -17.30 18.87
CA PHE A 170 3.72 -18.74 18.66
C PHE A 170 3.53 -19.55 19.96
N ARG A 171 3.80 -18.94 21.13
CA ARG A 171 3.53 -19.58 22.45
C ARG A 171 2.37 -18.86 23.16
N GLY A 172 1.38 -18.39 22.41
CA GLY A 172 0.13 -17.86 22.97
C GLY A 172 0.33 -16.57 23.76
N GLU A 173 1.37 -15.80 23.41
CA GLU A 173 1.61 -14.43 23.94
C GLU A 173 0.56 -13.49 23.37
N VAL A 174 -0.15 -12.75 24.22
CA VAL A 174 -1.20 -11.79 23.78
C VAL A 174 -0.51 -10.67 23.01
N LYS A 175 -1.14 -10.22 21.91
CA LYS A 175 -0.67 -9.10 21.08
C LYS A 175 -1.86 -8.14 20.88
N ILE A 176 -1.77 -6.93 21.45
CA ILE A 176 -2.69 -5.81 21.14
C ILE A 176 -2.46 -5.45 19.67
N ALA A 177 -3.51 -5.44 18.84
CA ALA A 177 -3.40 -5.51 17.37
C ALA A 177 -2.62 -4.30 16.82
N ASP A 178 -2.69 -3.15 17.52
CA ASP A 178 -2.00 -1.88 17.12
C ASP A 178 -2.34 -0.79 18.15
N PHE A 179 -1.90 0.45 17.90
CA PHE A 179 -2.15 1.62 18.78
C PHE A 179 -3.48 2.32 18.38
N GLY A 180 -4.41 1.56 17.79
CA GLY A 180 -5.83 1.91 17.66
C GLY A 180 -6.07 3.21 16.90
N TRP A 181 -5.64 3.28 15.63
CA TRP A 181 -5.87 4.44 14.72
C TRP A 181 -7.24 4.29 14.03
N SER A 182 -7.66 3.06 13.73
CA SER A 182 -8.95 2.71 13.09
C SER A 182 -10.06 2.52 14.13
N VAL A 183 -9.76 2.75 15.41
CA VAL A 183 -10.76 2.73 16.53
C VAL A 183 -11.72 3.91 16.34
N HIS A 184 -13.02 3.62 16.25
CA HIS A 184 -14.11 4.62 16.10
C HIS A 184 -14.66 4.99 17.49
N THR A 185 -14.91 6.27 17.72
CA THR A 185 -15.51 6.82 18.98
C THR A 185 -16.68 5.94 19.39
N PRO A 186 -16.53 5.06 20.40
CA PRO A 186 -17.51 4.00 20.67
C PRO A 186 -18.93 4.53 20.96
N SER A 187 -19.92 4.05 20.19
CA SER A 187 -21.36 4.37 20.36
C SER A 187 -21.98 3.39 21.38
N LEU A 188 -22.93 3.88 22.20
CA LEU A 188 -23.77 3.06 23.10
C LEU A 188 -24.57 2.06 22.25
N ALA A 189 -25.24 2.54 21.21
CA ALA A 189 -26.12 1.73 20.31
C ALA A 189 -25.30 0.63 19.61
N ALA A 190 -24.09 0.95 19.13
CA ALA A 190 -23.21 0.03 18.38
C ALA A 190 -22.79 -1.14 19.28
N ALA A 191 -22.32 -0.80 20.49
CA ALA A 191 -21.84 -1.75 21.52
C ALA A 191 -22.96 -2.70 21.93
N THR A 192 -24.18 -2.17 22.08
CA THR A 192 -25.42 -2.95 22.38
C THR A 192 -25.58 -4.05 21.32
N MET A 193 -25.57 -3.67 20.04
CA MET A 193 -25.78 -4.59 18.89
C MET A 193 -24.57 -5.52 18.71
N CYS A 194 -23.34 -4.98 18.75
CA CYS A 194 -22.07 -5.75 18.62
C CYS A 194 -21.97 -6.81 19.74
N GLY A 195 -22.68 -6.62 20.85
CA GLY A 195 -22.60 -7.46 22.06
C GLY A 195 -21.33 -7.18 22.85
N THR A 196 -20.87 -5.91 22.82
CA THR A 196 -19.60 -5.44 23.42
C THR A 196 -19.89 -4.38 24.49
N LEU A 197 -21.14 -4.36 24.98
CA LEU A 197 -21.62 -3.39 26.01
C LEU A 197 -20.87 -3.65 27.33
N ASP A 198 -20.45 -4.91 27.55
CA ASP A 198 -19.77 -5.37 28.79
C ASP A 198 -18.47 -4.58 29.00
N TYR A 199 -17.77 -4.25 27.91
CA TYR A 199 -16.43 -3.59 27.91
C TYR A 199 -16.60 -2.06 27.93
N LEU A 200 -17.75 -1.59 28.41
CA LEU A 200 -18.05 -0.14 28.59
C LEU A 200 -18.45 0.07 30.05
N PRO A 201 -17.62 0.78 30.84
CA PRO A 201 -17.96 1.05 32.24
C PRO A 201 -19.06 2.10 32.39
N PRO A 202 -19.71 2.20 33.57
CA PRO A 202 -20.74 3.20 33.82
C PRO A 202 -20.46 4.62 33.29
N GLU A 203 -19.25 5.15 33.51
CA GLU A 203 -18.86 6.53 33.07
C GLU A 203 -19.18 6.70 31.58
N MET A 204 -18.73 5.75 30.76
CA MET A 204 -18.95 5.70 29.29
C MET A 204 -20.44 5.51 29.01
N ILE A 205 -21.08 4.56 29.70
CA ILE A 205 -22.53 4.21 29.52
C ILE A 205 -23.36 5.47 29.65
N GLU A 206 -23.13 6.25 30.72
CA GLU A 206 -23.82 7.53 31.00
C GLU A 206 -23.09 8.65 30.24
N GLY A 207 -23.44 9.91 30.46
CA GLY A 207 -22.84 11.03 29.69
C GLY A 207 -21.37 11.25 30.03
N ARG A 208 -20.85 10.58 31.07
CA ARG A 208 -19.76 11.11 31.94
C ARG A 208 -18.38 10.94 31.29
N THR A 209 -17.43 11.79 31.71
CA THR A 209 -16.02 11.83 31.23
C THR A 209 -15.30 10.56 31.67
N TYR A 210 -14.36 10.10 30.83
CA TYR A 210 -13.62 8.83 30.97
C TYR A 210 -12.14 9.08 30.67
N ASP A 211 -11.25 8.42 31.43
CA ASP A 211 -9.78 8.48 31.24
C ASP A 211 -9.27 7.03 31.09
N GLU A 212 -7.95 6.81 31.18
CA GLU A 212 -7.32 5.48 30.99
C GLU A 212 -7.66 4.55 32.16
N LYS A 213 -8.48 4.98 33.12
CA LYS A 213 -9.04 4.09 34.19
C LYS A 213 -10.11 3.17 33.60
N VAL A 214 -10.55 3.43 32.36
CA VAL A 214 -11.48 2.54 31.60
C VAL A 214 -10.75 1.22 31.36
N ASP A 215 -9.47 1.29 30.99
CA ASP A 215 -8.57 0.11 30.78
C ASP A 215 -8.75 -0.88 31.93
N LEU A 216 -8.77 -0.40 33.17
CA LEU A 216 -8.82 -1.27 34.39
C LEU A 216 -10.11 -2.10 34.34
N TRP A 217 -11.24 -1.47 34.06
CA TRP A 217 -12.55 -2.16 33.97
C TRP A 217 -12.43 -3.30 32.96
N CYS A 218 -11.97 -3.00 31.74
CA CYS A 218 -11.93 -3.97 30.61
C CYS A 218 -11.13 -5.21 30.98
N ILE A 219 -9.99 -5.05 31.65
CA ILE A 219 -9.13 -6.19 32.10
C ILE A 219 -9.97 -7.10 33.01
N GLY A 220 -10.74 -6.50 33.93
CA GLY A 220 -11.70 -7.23 34.79
C GLY A 220 -12.72 -8.01 33.97
N VAL A 221 -13.29 -7.37 32.94
CA VAL A 221 -14.28 -8.01 32.02
C VAL A 221 -13.55 -9.16 31.30
N LEU A 222 -12.40 -8.85 30.68
CA LEU A 222 -11.59 -9.82 29.88
C LEU A 222 -11.28 -11.04 30.74
N CYS A 223 -10.88 -10.81 31.99
CA CYS A 223 -10.50 -11.90 32.91
C CYS A 223 -11.70 -12.82 33.12
N TYR A 224 -12.87 -12.25 33.42
CA TYR A 224 -14.12 -13.02 33.64
C TYR A 224 -14.42 -13.83 32.37
N GLU A 225 -14.40 -13.18 31.19
CA GLU A 225 -14.75 -13.81 29.88
C GLU A 225 -13.84 -15.02 29.62
N LEU A 226 -12.51 -14.84 29.70
CA LEU A 226 -11.53 -15.92 29.39
C LEU A 226 -11.81 -17.15 30.28
N LEU A 227 -12.12 -16.94 31.56
CA LEU A 227 -12.27 -18.05 32.55
C LEU A 227 -13.62 -18.74 32.41
N VAL A 228 -14.70 -17.99 32.15
CA VAL A 228 -16.11 -18.49 32.22
C VAL A 228 -16.59 -18.91 30.83
N GLY A 229 -16.17 -18.18 29.79
CA GLY A 229 -16.53 -18.43 28.38
C GLY A 229 -17.42 -17.35 27.78
N TYR A 230 -17.95 -16.45 28.62
CA TYR A 230 -18.91 -15.39 28.23
C TYR A 230 -18.72 -14.16 29.13
N PRO A 231 -19.07 -12.94 28.67
CA PRO A 231 -18.87 -11.72 29.46
C PRO A 231 -19.80 -11.70 30.67
N PRO A 232 -19.38 -11.12 31.81
CA PRO A 232 -20.14 -11.23 33.05
C PRO A 232 -21.54 -10.62 32.99
N PHE A 233 -21.71 -9.49 32.29
CA PHE A 233 -22.94 -8.66 32.32
C PHE A 233 -23.92 -9.07 31.20
N GLU A 234 -23.50 -9.88 30.23
CA GLU A 234 -24.34 -10.25 29.05
C GLU A 234 -25.60 -10.97 29.56
N SER A 235 -26.71 -10.84 28.81
CA SER A 235 -28.02 -11.47 29.12
C SER A 235 -28.78 -11.73 27.81
N ALA A 236 -30.11 -11.79 27.86
CA ALA A 236 -31.00 -11.87 26.67
C ALA A 236 -31.61 -10.50 26.37
N SER A 237 -31.88 -9.71 27.41
CA SER A 237 -32.43 -8.32 27.32
C SER A 237 -31.28 -7.31 27.32
N HIS A 238 -31.43 -6.22 26.58
CA HIS A 238 -30.44 -5.10 26.49
C HIS A 238 -30.57 -4.23 27.73
N SER A 239 -31.82 -3.93 28.13
CA SER A 239 -32.18 -3.20 29.37
C SER A 239 -31.61 -3.92 30.59
N GLU A 240 -31.60 -5.26 30.57
CA GLU A 240 -31.03 -6.13 31.64
C GLU A 240 -29.51 -5.90 31.71
N THR A 241 -28.78 -6.20 30.63
CA THR A 241 -27.31 -5.98 30.50
C THR A 241 -26.97 -4.57 30.99
N TYR A 242 -27.80 -3.59 30.64
CA TYR A 242 -27.66 -2.16 31.02
C TYR A 242 -27.74 -2.00 32.55
N ARG A 243 -28.74 -2.62 33.17
CA ARG A 243 -28.99 -2.55 34.65
C ARG A 243 -27.82 -3.20 35.40
N ARG A 244 -27.40 -4.41 34.99
CA ARG A 244 -26.34 -5.23 35.65
C ARG A 244 -25.02 -4.48 35.66
N ILE A 245 -24.70 -3.73 34.59
CA ILE A 245 -23.43 -2.96 34.49
C ILE A 245 -23.44 -1.84 35.54
N LEU A 246 -24.48 -1.02 35.54
CA LEU A 246 -24.57 0.19 36.41
C LEU A 246 -24.66 -0.19 37.89
N LYS A 247 -25.21 -1.37 38.20
CA LYS A 247 -25.30 -1.90 39.60
C LYS A 247 -24.08 -2.79 39.88
N VAL A 248 -23.17 -2.92 38.90
CA VAL A 248 -22.00 -3.86 38.86
C VAL A 248 -22.42 -5.23 39.40
N ASP A 249 -23.56 -5.76 38.94
CA ASP A 249 -24.17 -7.05 39.36
C ASP A 249 -23.39 -8.21 38.74
N VAL A 250 -22.16 -8.45 39.21
CA VAL A 250 -21.29 -9.57 38.78
C VAL A 250 -21.71 -10.83 39.55
N ARG A 251 -21.90 -11.95 38.85
CA ARG A 251 -22.32 -13.24 39.45
C ARG A 251 -21.36 -14.34 39.00
N PHE A 252 -20.54 -14.85 39.93
CA PHE A 252 -19.43 -15.81 39.68
C PHE A 252 -19.94 -17.23 39.84
N PRO A 253 -19.63 -18.17 38.91
CA PRO A 253 -20.01 -19.57 39.07
C PRO A 253 -19.18 -20.17 40.21
N LEU A 254 -19.78 -21.02 41.03
CA LEU A 254 -19.16 -21.54 42.27
C LEU A 254 -17.89 -22.33 41.92
N SER A 255 -17.74 -22.78 40.68
CA SER A 255 -16.51 -23.45 40.17
C SER A 255 -15.36 -22.45 40.01
N MET A 256 -15.64 -21.14 40.06
CA MET A 256 -14.64 -20.05 39.87
C MET A 256 -13.56 -20.12 40.94
N PRO A 257 -12.26 -20.12 40.56
CA PRO A 257 -11.17 -19.92 41.52
C PRO A 257 -11.26 -18.61 42.32
N LEU A 258 -10.99 -18.68 43.63
CA LEU A 258 -11.17 -17.57 44.60
C LEU A 258 -10.25 -16.41 44.24
N GLY A 259 -8.96 -16.69 44.02
CA GLY A 259 -7.97 -15.69 43.57
C GLY A 259 -8.48 -14.83 42.43
N ALA A 260 -9.09 -15.43 41.40
CA ALA A 260 -9.63 -14.75 40.19
C ALA A 260 -10.84 -13.89 40.56
N ARG A 261 -11.84 -14.46 41.24
CA ARG A 261 -13.03 -13.75 41.75
C ARG A 261 -12.59 -12.45 42.44
N ASP A 262 -11.52 -12.53 43.26
CA ASP A 262 -10.99 -11.37 44.03
C ASP A 262 -10.55 -10.27 43.05
N LEU A 263 -9.68 -10.60 42.09
CA LEU A 263 -9.07 -9.63 41.14
C LEU A 263 -10.20 -8.91 40.36
N ILE A 264 -11.19 -9.67 39.87
CA ILE A 264 -12.32 -9.15 39.04
C ILE A 264 -13.20 -8.24 39.91
N SER A 265 -13.36 -8.58 41.19
CA SER A 265 -14.14 -7.78 42.18
C SER A 265 -13.49 -6.42 42.39
N ARG A 266 -12.15 -6.36 42.32
CA ARG A 266 -11.34 -5.15 42.64
C ARG A 266 -11.19 -4.27 41.40
N LEU A 267 -11.37 -4.84 40.20
CA LEU A 267 -11.28 -4.14 38.89
C LEU A 267 -12.67 -3.62 38.49
N LEU A 268 -13.69 -4.49 38.47
CA LEU A 268 -15.11 -4.15 38.13
C LEU A 268 -15.77 -3.44 39.32
N ARG A 269 -15.44 -2.16 39.51
CA ARG A 269 -16.04 -1.30 40.55
C ARG A 269 -16.61 -0.06 39.86
N TYR A 270 -17.80 0.39 40.27
CA TYR A 270 -18.51 1.56 39.70
C TYR A 270 -17.56 2.76 39.68
N GLN A 271 -17.01 3.09 40.85
CA GLN A 271 -16.08 4.24 41.04
C GLN A 271 -14.77 3.96 40.30
N PRO A 272 -14.40 4.78 39.30
CA PRO A 272 -13.11 4.62 38.61
C PRO A 272 -11.89 4.75 39.54
N LEU A 273 -11.94 5.68 40.51
CA LEU A 273 -10.76 6.09 41.33
C LEU A 273 -10.44 5.02 42.37
N GLU A 274 -11.27 3.98 42.54
CA GLU A 274 -10.98 2.86 43.48
C GLU A 274 -10.91 1.53 42.70
N ARG A 275 -10.35 1.56 41.49
CA ARG A 275 -10.13 0.35 40.64
C ARG A 275 -8.66 -0.07 40.73
N LEU A 276 -8.41 -1.34 41.05
CA LEU A 276 -7.04 -1.87 41.29
C LEU A 276 -6.11 -1.39 40.19
N PRO A 277 -5.16 -0.46 40.48
CA PRO A 277 -4.22 0.04 39.48
C PRO A 277 -3.34 -1.03 38.84
N LEU A 278 -2.76 -0.70 37.68
CA LEU A 278 -1.91 -1.61 36.85
C LEU A 278 -0.80 -2.19 37.72
N ALA A 279 -0.05 -1.32 38.40
CA ALA A 279 1.09 -1.68 39.28
C ALA A 279 0.69 -2.84 40.21
N GLN A 280 -0.55 -2.88 40.69
CA GLN A 280 -1.07 -3.87 41.67
C GLN A 280 -1.76 -5.07 40.99
N ILE A 281 -2.15 -4.97 39.71
CA ILE A 281 -2.63 -6.16 38.94
C ILE A 281 -1.45 -7.11 38.78
N LEU A 282 -0.27 -6.55 38.44
CA LEU A 282 1.02 -7.28 38.33
C LEU A 282 1.31 -7.98 39.66
N LYS A 283 1.12 -7.27 40.78
CA LYS A 283 1.49 -7.72 42.16
C LYS A 283 0.40 -8.59 42.77
N HIS A 284 -0.75 -8.75 42.11
CA HIS A 284 -1.92 -9.45 42.71
C HIS A 284 -1.56 -10.92 42.93
N PRO A 285 -1.82 -11.46 44.15
CA PRO A 285 -1.44 -12.83 44.49
C PRO A 285 -1.78 -13.86 43.40
N TRP A 286 -3.02 -13.87 42.90
CA TRP A 286 -3.55 -14.87 41.92
C TRP A 286 -2.72 -14.88 40.63
N VAL A 287 -2.42 -13.70 40.09
CA VAL A 287 -1.56 -13.52 38.87
C VAL A 287 -0.22 -14.20 39.16
N GLN A 288 0.44 -13.74 40.22
CA GLN A 288 1.75 -14.24 40.70
C GLN A 288 1.74 -15.77 40.67
N ALA A 289 0.65 -16.38 41.14
CA ALA A 289 0.56 -17.83 41.44
C ALA A 289 0.39 -18.65 40.15
N HIS A 290 -0.09 -18.04 39.05
CA HIS A 290 -0.56 -18.77 37.84
C HIS A 290 0.03 -18.24 36.52
N SER A 291 0.56 -17.02 36.50
CA SER A 291 1.21 -16.44 35.31
C SER A 291 2.48 -17.24 34.97
N ARG A 292 2.66 -17.59 33.69
CA ARG A 292 3.90 -18.24 33.15
C ARG A 292 4.47 -17.35 32.05
N ARG A 293 4.44 -16.02 32.23
CA ARG A 293 4.89 -15.04 31.21
C ARG A 293 6.40 -15.19 30.98
N VAL A 294 6.79 -15.22 29.71
CA VAL A 294 8.22 -15.28 29.29
C VAL A 294 8.36 -14.51 27.97
N LEU A 295 9.25 -13.51 27.95
CA LEU A 295 9.62 -12.70 26.77
C LEU A 295 9.97 -13.63 25.62
N PRO A 296 9.52 -13.32 24.38
CA PRO A 296 9.96 -14.07 23.21
C PRO A 296 11.40 -13.70 22.83
N PRO A 297 12.16 -14.60 22.18
CA PRO A 297 13.54 -14.32 21.78
C PRO A 297 13.72 -13.07 20.91
N CYS A 298 14.71 -12.23 21.24
CA CYS A 298 15.22 -11.10 20.41
C CYS A 298 16.63 -11.45 19.90
N ALA A 299 17.18 -10.61 19.03
CA ALA A 299 18.58 -10.69 18.55
C ALA A 299 19.37 -9.51 19.14
N GLN A 300 20.70 -9.53 19.00
CA GLN A 300 21.61 -8.37 19.20
C GLN A 300 23.06 -8.84 18.98
N SER B 26 28.80 24.68 -27.91
CA SER B 26 28.49 23.23 -27.99
C SER B 26 28.93 22.65 -29.34
N PRO B 27 30.17 22.09 -29.45
CA PRO B 27 30.60 21.42 -30.68
C PRO B 27 29.86 20.08 -30.89
N ALA B 28 30.43 18.96 -30.42
CA ALA B 28 29.83 17.61 -30.50
C ALA B 28 30.36 16.76 -29.34
N MET B 29 30.56 17.35 -28.16
CA MET B 29 31.03 16.66 -26.93
C MET B 29 29.91 16.72 -25.88
N ARG B 30 29.53 17.93 -25.43
CA ARG B 30 28.23 18.21 -24.73
C ARG B 30 27.97 17.18 -23.62
N ARG B 31 29.02 16.76 -22.89
CA ARG B 31 28.93 15.82 -21.75
C ARG B 31 28.50 16.62 -20.53
N LEU B 32 27.36 16.27 -19.92
CA LEU B 32 26.76 17.05 -18.80
C LEU B 32 27.12 16.39 -17.47
N THR B 33 27.11 17.20 -16.40
CA THR B 33 27.28 16.78 -14.99
C THR B 33 26.20 17.48 -14.16
N VAL B 34 26.09 17.15 -12.87
CA VAL B 34 25.11 17.77 -11.93
C VAL B 34 25.43 19.25 -11.77
N ASP B 35 26.68 19.66 -12.00
CA ASP B 35 27.12 21.07 -11.88
C ASP B 35 26.49 21.92 -13.00
N ASP B 36 25.94 21.30 -14.04
CA ASP B 36 25.31 21.96 -15.21
C ASP B 36 23.82 22.23 -14.95
N PHE B 37 23.26 21.71 -13.84
CA PHE B 37 21.82 21.84 -13.48
C PHE B 37 21.64 22.69 -12.21
N GLU B 38 20.56 23.48 -12.16
CA GLU B 38 19.99 24.09 -10.92
C GLU B 38 18.78 23.24 -10.51
N ILE B 39 18.72 22.80 -9.25
CA ILE B 39 17.66 21.90 -8.72
C ILE B 39 16.53 22.75 -8.14
N GLY B 40 15.29 22.33 -8.39
CA GLY B 40 14.06 23.09 -8.09
C GLY B 40 13.30 22.52 -6.91
N ARG B 41 12.79 21.30 -7.04
CA ARG B 41 11.88 20.67 -6.05
C ARG B 41 11.73 19.17 -6.34
N PRO B 42 11.54 18.32 -5.30
CA PRO B 42 11.21 16.90 -5.50
C PRO B 42 9.89 16.67 -6.24
N LEU B 43 9.91 15.95 -7.37
CA LEU B 43 8.70 15.62 -8.16
C LEU B 43 8.11 14.27 -7.74
N GLY B 44 8.87 13.43 -7.03
CA GLY B 44 8.34 12.15 -6.52
C GLY B 44 9.41 11.09 -6.33
N LYS B 45 8.99 9.92 -5.87
CA LYS B 45 9.87 8.80 -5.46
C LYS B 45 9.58 7.61 -6.37
N GLY B 46 10.57 7.14 -7.13
CA GLY B 46 10.52 5.87 -7.87
C GLY B 46 11.01 4.73 -6.99
N LYS B 47 10.95 3.49 -7.50
CA LYS B 47 11.47 2.28 -6.79
C LYS B 47 12.97 2.47 -6.55
N PHE B 48 13.70 2.89 -7.59
CA PHE B 48 15.19 2.90 -7.63
C PHE B 48 15.73 4.24 -7.12
N GLY B 49 15.02 5.35 -7.38
CA GLY B 49 15.40 6.67 -6.86
C GLY B 49 14.43 7.77 -7.22
N ASN B 50 14.65 8.95 -6.63
CA ASN B 50 13.79 10.16 -6.68
C ASN B 50 13.90 10.86 -8.04
N VAL B 51 12.87 11.64 -8.41
CA VAL B 51 12.85 12.54 -9.61
C VAL B 51 12.73 13.99 -9.13
N TYR B 52 13.65 14.85 -9.55
CA TYR B 52 13.68 16.29 -9.19
C TYR B 52 13.41 17.14 -10.43
N LEU B 53 12.53 18.12 -10.31
CA LEU B 53 12.45 19.25 -11.26
C LEU B 53 13.79 19.97 -11.21
N ALA B 54 14.44 20.15 -12.37
CA ALA B 54 15.72 20.88 -12.51
C ALA B 54 15.71 21.63 -13.84
N ARG B 55 16.65 22.56 -14.03
CA ARG B 55 16.87 23.29 -15.30
C ARG B 55 18.37 23.46 -15.57
N LEU B 56 18.78 23.40 -16.83
CA LEU B 56 20.17 23.68 -17.28
C LEU B 56 20.52 25.13 -16.92
N LYS B 57 21.69 25.36 -16.33
CA LYS B 57 22.15 26.71 -15.89
C LYS B 57 22.18 27.65 -17.09
N GLU B 58 22.77 27.21 -18.20
CA GLU B 58 23.11 28.04 -19.39
C GLU B 58 21.84 28.41 -20.14
N SER B 59 21.05 27.41 -20.55
CA SER B 59 19.88 27.57 -21.46
C SER B 59 18.59 27.81 -20.68
N HIS B 60 18.54 27.44 -19.39
CA HIS B 60 17.34 27.52 -18.51
C HIS B 60 16.24 26.55 -18.98
N PHE B 61 16.61 25.47 -19.67
CA PHE B 61 15.65 24.45 -20.19
C PHE B 61 15.25 23.50 -19.07
N ILE B 62 13.99 23.55 -18.62
CA ILE B 62 13.43 22.68 -17.54
C ILE B 62 13.41 21.23 -18.01
N VAL B 63 13.93 20.32 -17.19
CA VAL B 63 13.86 18.84 -17.37
C VAL B 63 13.35 18.20 -16.07
N ALA B 64 13.00 16.90 -16.12
CA ALA B 64 12.77 16.03 -14.95
C ALA B 64 14.02 15.15 -14.75
N LEU B 65 14.79 15.40 -13.70
CA LEU B 65 16.06 14.68 -13.41
C LEU B 65 15.76 13.46 -12.54
N LYS B 66 16.02 12.25 -13.03
CA LYS B 66 15.84 10.99 -12.24
C LYS B 66 17.20 10.48 -11.78
N VAL B 67 17.38 10.43 -10.45
CA VAL B 67 18.62 10.00 -9.75
C VAL B 67 18.45 8.54 -9.33
N LEU B 68 19.14 7.62 -10.03
CA LEU B 68 19.20 6.17 -9.70
C LEU B 68 20.37 5.90 -8.76
N PHE B 69 20.18 5.05 -7.74
CA PHE B 69 21.27 4.49 -6.90
C PHE B 69 21.90 3.32 -7.67
N LYS B 70 23.21 3.39 -7.94
CA LYS B 70 23.95 2.35 -8.70
C LYS B 70 23.73 0.99 -8.04
N SER B 71 23.82 0.94 -6.70
CA SER B 71 23.69 -0.27 -5.85
C SER B 71 22.35 -0.97 -6.05
N GLN B 72 21.29 -0.21 -6.37
CA GLN B 72 19.90 -0.73 -6.53
C GLN B 72 19.75 -1.42 -7.89
N ILE B 73 20.37 -0.88 -8.95
CA ILE B 73 20.29 -1.43 -10.34
C ILE B 73 21.10 -2.74 -10.38
N GLU B 74 22.24 -2.74 -9.68
CA GLU B 74 23.15 -3.91 -9.52
C GLU B 74 22.41 -5.04 -8.78
N LYS B 75 21.81 -4.71 -7.63
CA LYS B 75 21.06 -5.67 -6.77
C LYS B 75 20.03 -6.42 -7.63
N GLU B 76 19.27 -5.70 -8.43
CA GLU B 76 18.10 -6.23 -9.18
C GLU B 76 18.55 -6.88 -10.49
N GLY B 77 19.83 -6.75 -10.86
CA GLY B 77 20.42 -7.34 -12.08
C GLY B 77 19.84 -6.74 -13.35
N LEU B 78 19.62 -5.42 -13.36
CA LEU B 78 18.99 -4.68 -14.49
C LEU B 78 20.05 -3.85 -15.24
N GLU B 79 21.29 -4.34 -15.32
CA GLU B 79 22.39 -3.63 -16.03
C GLU B 79 22.07 -3.61 -17.53
N HIS B 80 21.76 -4.78 -18.11
CA HIS B 80 21.41 -4.97 -19.55
C HIS B 80 20.15 -4.17 -19.89
N GLN B 81 19.08 -4.37 -19.12
CA GLN B 81 17.77 -3.71 -19.29
C GLN B 81 17.98 -2.19 -19.46
N LEU B 82 18.75 -1.59 -18.55
CA LEU B 82 19.04 -0.12 -18.55
C LEU B 82 19.79 0.23 -19.82
N ARG B 83 20.81 -0.56 -20.19
CA ARG B 83 21.58 -0.37 -21.45
C ARG B 83 20.61 -0.29 -22.63
N ARG B 84 19.67 -1.24 -22.68
CA ARG B 84 18.65 -1.38 -23.77
C ARG B 84 17.77 -0.13 -23.81
N GLU B 85 17.31 0.35 -22.64
CA GLU B 85 16.51 1.59 -22.49
C GLU B 85 17.24 2.75 -23.19
N ILE B 86 18.54 2.91 -22.92
CA ILE B 86 19.37 4.00 -23.50
C ILE B 86 19.47 3.83 -25.01
N GLU B 87 19.77 2.61 -25.48
CA GLU B 87 19.93 2.27 -26.92
C GLU B 87 18.62 2.56 -27.66
N ILE B 88 17.48 2.15 -27.11
CA ILE B 88 16.13 2.41 -27.68
C ILE B 88 15.91 3.93 -27.77
N GLN B 89 16.17 4.66 -26.69
CA GLN B 89 15.82 6.11 -26.57
C GLN B 89 16.76 6.96 -27.43
N ALA B 90 17.91 6.41 -27.83
CA ALA B 90 18.91 7.08 -28.70
C ALA B 90 18.53 6.91 -30.17
N HIS B 91 17.68 5.94 -30.49
CA HIS B 91 17.28 5.55 -31.88
C HIS B 91 15.81 5.93 -32.14
N LEU B 92 14.93 5.88 -31.12
CA LEU B 92 13.46 6.05 -31.26
C LEU B 92 12.97 7.33 -30.52
N GLN B 93 11.96 7.99 -31.10
CA GLN B 93 11.30 9.21 -30.55
C GLN B 93 9.80 9.14 -30.86
N HIS B 94 8.95 9.64 -29.96
CA HIS B 94 7.47 9.72 -30.15
C HIS B 94 6.88 10.74 -29.17
N PRO B 95 5.92 11.59 -29.62
CA PRO B 95 5.36 12.60 -28.75
C PRO B 95 4.55 12.08 -27.55
N ASN B 96 4.14 10.81 -27.56
CA ASN B 96 3.31 10.17 -26.49
C ASN B 96 4.12 9.10 -25.76
N ILE B 97 5.45 9.09 -25.93
CA ILE B 97 6.42 8.31 -25.10
C ILE B 97 7.39 9.31 -24.48
N LEU B 98 7.47 9.36 -23.14
CA LEU B 98 8.31 10.33 -22.40
C LEU B 98 9.75 10.15 -22.85
N ARG B 99 10.45 11.26 -23.11
CA ARG B 99 11.79 11.27 -23.75
C ARG B 99 12.90 11.17 -22.71
N LEU B 100 13.96 10.43 -23.04
CA LEU B 100 15.29 10.58 -22.42
C LEU B 100 16.13 11.49 -23.33
N TYR B 101 16.46 12.70 -22.88
CA TYR B 101 17.29 13.66 -23.64
C TYR B 101 18.72 13.15 -23.66
N ASN B 102 19.24 12.74 -22.50
CA ASN B 102 20.58 12.11 -22.29
C ASN B 102 20.75 11.69 -20.83
N TYR B 103 21.89 11.09 -20.50
CA TYR B 103 22.24 10.58 -19.14
C TYR B 103 23.72 10.89 -18.84
N PHE B 104 24.05 11.00 -17.56
CA PHE B 104 25.44 11.03 -17.03
C PHE B 104 25.48 10.12 -15.79
N HIS B 105 26.65 9.96 -15.17
CA HIS B 105 26.82 9.08 -13.99
C HIS B 105 27.97 9.57 -13.10
N ASP B 106 27.83 9.29 -11.79
CA ASP B 106 28.77 9.59 -10.68
C ASP B 106 29.38 8.27 -10.20
N ALA B 107 30.21 8.34 -9.15
CA ALA B 107 30.71 7.18 -8.37
C ALA B 107 29.54 6.37 -7.79
N ARG B 108 28.53 7.06 -7.27
CA ARG B 108 27.37 6.47 -6.52
C ARG B 108 26.10 6.49 -7.40
N ARG B 109 25.97 7.44 -8.34
CA ARG B 109 24.67 7.76 -8.99
C ARG B 109 24.71 7.51 -10.50
N VAL B 110 23.55 7.20 -11.08
CA VAL B 110 23.25 7.33 -12.54
C VAL B 110 22.10 8.33 -12.67
N TYR B 111 22.27 9.36 -13.52
CA TYR B 111 21.29 10.44 -13.75
C TYR B 111 20.68 10.28 -15.13
N LEU B 112 19.35 10.19 -15.18
CA LEU B 112 18.56 10.28 -16.42
C LEU B 112 17.95 11.68 -16.50
N ILE B 113 18.32 12.43 -17.54
CA ILE B 113 17.71 13.75 -17.91
C ILE B 113 16.46 13.43 -18.74
N LEU B 114 15.27 13.53 -18.14
CA LEU B 114 13.99 13.12 -18.78
C LEU B 114 13.12 14.33 -19.13
N GLU B 115 12.25 14.16 -20.13
CA GLU B 115 11.14 15.11 -20.46
C GLU B 115 10.32 15.32 -19.19
N TYR B 116 10.05 16.59 -18.85
CA TYR B 116 9.17 17.02 -17.72
C TYR B 116 7.72 17.02 -18.22
N ALA B 117 6.86 16.24 -17.56
CA ALA B 117 5.40 16.16 -17.75
C ALA B 117 4.71 17.14 -16.80
N PRO B 118 4.41 18.38 -17.26
CA PRO B 118 3.86 19.42 -16.38
C PRO B 118 2.56 19.07 -15.64
N ARG B 119 1.71 18.20 -16.20
CA ARG B 119 0.37 17.87 -15.63
C ARG B 119 0.42 16.52 -14.88
N GLY B 120 1.63 16.01 -14.62
CA GLY B 120 1.89 14.88 -13.69
C GLY B 120 1.28 13.55 -14.15
N GLU B 121 0.88 12.74 -13.18
CA GLU B 121 0.44 11.33 -13.37
C GLU B 121 -1.04 11.31 -13.80
N LEU B 122 -1.40 10.41 -14.73
CA LEU B 122 -2.79 10.30 -15.26
C LEU B 122 -3.73 9.83 -14.14
N TYR B 123 -3.32 8.81 -13.38
CA TYR B 123 -4.15 8.23 -12.28
C TYR B 123 -4.52 9.33 -11.29
N LYS B 124 -3.57 10.22 -11.00
CA LYS B 124 -3.77 11.35 -10.05
C LYS B 124 -4.77 12.32 -10.66
N GLU B 125 -4.64 12.63 -11.96
CA GLU B 125 -5.58 13.51 -12.69
C GLU B 125 -6.98 12.88 -12.69
N LEU B 126 -7.08 11.57 -12.86
CA LEU B 126 -8.37 10.83 -12.88
C LEU B 126 -9.08 10.94 -11.53
N GLN B 127 -8.38 10.69 -10.41
CA GLN B 127 -8.99 10.77 -9.05
C GLN B 127 -9.56 12.18 -8.85
N LYS B 128 -8.81 13.20 -9.28
CA LYS B 128 -9.19 14.64 -9.13
C LYS B 128 -10.39 14.95 -10.03
N SER B 129 -10.46 14.36 -11.23
CA SER B 129 -11.53 14.60 -12.23
C SER B 129 -12.76 13.72 -11.92
N GLU B 130 -12.62 12.70 -11.07
CA GLU B 130 -13.60 11.59 -10.85
C GLU B 130 -13.66 10.74 -12.13
N LYS B 131 -14.03 11.34 -13.27
CA LYS B 131 -14.08 10.66 -14.59
C LYS B 131 -13.64 11.65 -15.68
N LEU B 132 -13.17 11.15 -16.82
CA LEU B 132 -12.75 12.00 -17.96
C LEU B 132 -13.88 12.07 -19.00
N ASP B 133 -14.13 13.25 -19.55
CA ASP B 133 -15.14 13.47 -20.63
C ASP B 133 -14.71 12.64 -21.84
N GLU B 134 -15.58 12.54 -22.84
CA GLU B 134 -15.35 11.70 -24.05
C GLU B 134 -14.15 12.25 -24.81
N GLN B 135 -13.92 13.57 -24.74
CA GLN B 135 -12.86 14.29 -25.50
CA GLN B 135 -12.86 14.30 -25.49
C GLN B 135 -11.48 13.82 -25.01
N ARG B 136 -11.21 14.00 -23.73
CA ARG B 136 -9.89 13.72 -23.10
C ARG B 136 -9.55 12.23 -23.23
N THR B 137 -10.54 11.37 -22.98
CA THR B 137 -10.45 9.88 -23.06
C THR B 137 -10.08 9.44 -24.49
N ALA B 138 -10.84 9.86 -25.51
CA ALA B 138 -10.66 9.45 -26.91
C ALA B 138 -9.34 10.01 -27.48
N THR B 139 -8.92 11.18 -27.00
CA THR B 139 -7.62 11.79 -27.36
C THR B 139 -6.49 10.89 -26.88
N ILE B 140 -6.57 10.41 -25.63
CA ILE B 140 -5.55 9.51 -25.02
C ILE B 140 -5.53 8.18 -25.83
N ILE B 141 -6.69 7.57 -26.05
CA ILE B 141 -6.82 6.24 -26.71
C ILE B 141 -6.14 6.27 -28.10
N GLU B 142 -6.31 7.35 -28.87
CA GLU B 142 -5.67 7.47 -30.20
C GLU B 142 -4.15 7.62 -29.98
N GLU B 143 -3.76 8.61 -29.16
CA GLU B 143 -2.35 8.88 -28.79
C GLU B 143 -1.66 7.56 -28.43
N LEU B 144 -2.26 6.77 -27.53
CA LEU B 144 -1.70 5.48 -27.06
C LEU B 144 -1.67 4.47 -28.21
N ALA B 145 -2.78 4.29 -28.91
CA ALA B 145 -2.87 3.38 -30.07
C ALA B 145 -1.73 3.71 -31.04
N ASP B 146 -1.40 5.00 -31.20
CA ASP B 146 -0.36 5.45 -32.15
C ASP B 146 1.01 5.03 -31.61
N ALA B 147 1.34 5.51 -30.41
CA ALA B 147 2.60 5.21 -29.69
C ALA B 147 2.89 3.72 -29.75
N LEU B 148 1.86 2.89 -29.60
CA LEU B 148 1.98 1.41 -29.57
C LEU B 148 2.25 0.86 -30.98
N THR B 149 1.59 1.41 -32.01
CA THR B 149 1.82 1.05 -33.44
C THR B 149 3.30 1.28 -33.76
N TYR B 150 3.81 2.46 -33.40
CA TYR B 150 5.24 2.85 -33.50
C TYR B 150 6.10 1.80 -32.79
N CYS B 151 5.75 1.43 -31.55
CA CYS B 151 6.55 0.52 -30.68
C CYS B 151 6.62 -0.88 -31.31
N HIS B 152 5.55 -1.36 -31.95
CA HIS B 152 5.49 -2.72 -32.55
C HIS B 152 6.17 -2.71 -33.93
N ASP B 153 6.03 -1.62 -34.69
CA ASP B 153 6.72 -1.43 -36.00
C ASP B 153 8.23 -1.54 -35.78
N LYS B 154 8.76 -0.83 -34.77
CA LYS B 154 10.22 -0.72 -34.49
C LYS B 154 10.67 -1.92 -33.64
N LYS B 155 9.74 -2.81 -33.27
CA LYS B 155 9.99 -4.13 -32.63
C LYS B 155 10.72 -3.91 -31.29
N VAL B 156 10.12 -3.13 -30.40
CA VAL B 156 10.68 -2.76 -29.08
C VAL B 156 9.65 -3.00 -27.97
N ILE B 157 10.12 -3.35 -26.78
CA ILE B 157 9.29 -3.50 -25.56
C ILE B 157 8.87 -2.08 -25.14
N HIS B 158 7.74 -1.95 -24.44
CA HIS B 158 7.22 -0.67 -23.91
C HIS B 158 6.64 -0.93 -22.52
N ARG B 159 6.61 0.09 -21.66
CA ARG B 159 5.97 0.04 -20.33
C ARG B 159 4.47 -0.28 -20.51
N ASP B 160 4.01 -1.41 -19.95
CA ASP B 160 2.59 -1.83 -20.02
C ASP B 160 1.71 -0.63 -19.65
N ILE B 161 0.57 -0.48 -20.32
CA ILE B 161 -0.27 0.74 -20.23
C ILE B 161 -1.28 0.58 -19.08
N LYS B 162 -1.36 1.60 -18.22
CA LYS B 162 -2.23 1.71 -17.01
C LYS B 162 -2.11 3.12 -16.48
N PRO B 163 -3.15 3.70 -15.85
CA PRO B 163 -3.11 5.10 -15.43
C PRO B 163 -1.85 5.48 -14.63
N GLU B 164 -1.38 4.58 -13.77
CA GLU B 164 -0.16 4.75 -12.91
C GLU B 164 1.08 4.98 -13.79
N ASN B 165 1.15 4.30 -14.94
CA ASN B 165 2.33 4.18 -15.83
C ASN B 165 2.32 5.27 -16.91
N LEU B 166 1.31 6.15 -16.89
CA LEU B 166 1.09 7.20 -17.92
C LEU B 166 1.21 8.58 -17.26
N LEU B 167 1.98 9.49 -17.88
CA LEU B 167 2.14 10.91 -17.47
C LEU B 167 1.44 11.82 -18.51
N LEU B 168 1.33 13.11 -18.21
CA LEU B 168 0.54 14.10 -19.00
C LEU B 168 1.40 15.32 -19.37
N GLY B 169 1.41 15.71 -20.65
CA GLY B 169 2.08 16.93 -21.14
C GLY B 169 1.33 18.21 -20.77
N PHE B 170 1.81 19.36 -21.25
CA PHE B 170 1.28 20.72 -20.93
C PHE B 170 -0.17 20.85 -21.39
N ARG B 171 -0.56 20.21 -22.50
CA ARG B 171 -1.97 20.17 -22.98
C ARG B 171 -2.55 18.76 -22.82
N GLY B 172 -2.16 18.04 -21.77
CA GLY B 172 -2.79 16.78 -21.37
C GLY B 172 -2.54 15.67 -22.39
N GLU B 173 -1.42 15.75 -23.12
CA GLU B 173 -0.93 14.68 -24.03
C GLU B 173 -0.42 13.51 -23.17
N VAL B 174 -0.91 12.29 -23.41
CA VAL B 174 -0.49 11.09 -22.64
C VAL B 174 0.98 10.81 -22.96
N LYS B 175 1.75 10.43 -21.94
CA LYS B 175 3.18 10.06 -22.06
C LYS B 175 3.36 8.71 -21.36
N ILE B 176 3.67 7.66 -22.14
CA ILE B 176 4.14 6.35 -21.61
C ILE B 176 5.49 6.63 -20.94
N ALA B 177 5.66 6.26 -19.67
CA ALA B 177 6.73 6.82 -18.79
C ALA B 177 8.12 6.47 -19.34
N ASP B 178 8.24 5.35 -20.07
CA ASP B 178 9.52 4.85 -20.67
C ASP B 178 9.25 3.52 -21.39
N PHE B 179 10.31 2.88 -21.88
CA PHE B 179 10.24 1.56 -22.59
C PHE B 179 10.35 0.40 -21.60
N GLY B 180 9.98 0.65 -20.33
CA GLY B 180 9.69 -0.39 -19.31
C GLY B 180 10.86 -1.30 -19.02
N TRP B 181 11.99 -0.76 -18.56
CA TRP B 181 13.21 -1.52 -18.15
C TRP B 181 13.07 -1.98 -16.68
N SER B 182 12.43 -1.19 -15.82
CA SER B 182 12.18 -1.49 -14.39
C SER B 182 10.87 -2.26 -14.20
N VAL B 183 10.17 -2.60 -15.29
CA VAL B 183 8.94 -3.43 -15.28
C VAL B 183 9.35 -4.86 -14.90
N HIS B 184 8.76 -5.41 -13.83
CA HIS B 184 9.00 -6.80 -13.34
C HIS B 184 7.87 -7.70 -13.86
N THR B 185 8.22 -8.92 -14.29
CA THR B 185 7.30 -9.97 -14.78
C THR B 185 6.08 -10.03 -13.87
N PRO B 186 4.91 -9.47 -14.26
CA PRO B 186 3.80 -9.28 -13.34
C PRO B 186 3.29 -10.61 -12.73
N SER B 187 3.22 -10.67 -11.39
CA SER B 187 2.69 -11.81 -10.59
C SER B 187 1.16 -11.72 -10.51
N LEU B 188 0.47 -12.86 -10.49
CA LEU B 188 -1.00 -12.95 -10.24
C LEU B 188 -1.29 -12.40 -8.83
N ALA B 189 -0.56 -12.86 -7.82
CA ALA B 189 -0.71 -12.47 -6.40
C ALA B 189 -0.49 -10.95 -6.22
N ALA B 190 0.53 -10.38 -6.87
CA ALA B 190 0.91 -8.96 -6.76
C ALA B 190 -0.21 -8.08 -7.31
N ALA B 191 -0.70 -8.41 -8.51
CA ALA B 191 -1.76 -7.70 -9.26
C ALA B 191 -3.06 -7.72 -8.44
N THR B 192 -3.37 -8.85 -7.80
CA THR B 192 -4.54 -9.03 -6.89
C THR B 192 -4.46 -7.96 -5.78
N MET B 193 -3.32 -7.87 -5.09
CA MET B 193 -3.11 -6.94 -3.95
C MET B 193 -3.00 -5.49 -4.45
N CYS B 194 -2.22 -5.25 -5.51
CA CYS B 194 -2.04 -3.90 -6.13
C CYS B 194 -3.39 -3.34 -6.64
N GLY B 195 -4.38 -4.21 -6.87
CA GLY B 195 -5.69 -3.86 -7.46
C GLY B 195 -5.58 -3.62 -8.96
N THR B 196 -4.68 -4.37 -9.61
CA THR B 196 -4.18 -4.19 -11.00
C THR B 196 -4.55 -5.44 -11.82
N LEU B 197 -5.40 -6.31 -11.26
CA LEU B 197 -5.80 -7.61 -11.85
C LEU B 197 -6.58 -7.37 -13.14
N ASP B 198 -7.27 -6.22 -13.23
CA ASP B 198 -8.15 -5.83 -14.37
C ASP B 198 -7.33 -5.77 -15.65
N TYR B 199 -6.07 -5.32 -15.57
CA TYR B 199 -5.16 -5.07 -16.72
C TYR B 199 -4.38 -6.36 -17.06
N LEU B 200 -4.93 -7.51 -16.68
CA LEU B 200 -4.37 -8.85 -16.98
C LEU B 200 -5.46 -9.66 -17.68
N PRO B 201 -5.31 -9.98 -18.98
CA PRO B 201 -6.30 -10.78 -19.69
C PRO B 201 -6.26 -12.25 -19.29
N PRO B 202 -7.32 -13.04 -19.59
CA PRO B 202 -7.36 -14.48 -19.30
C PRO B 202 -6.05 -15.25 -19.56
N GLU B 203 -5.42 -15.05 -20.72
CA GLU B 203 -4.17 -15.77 -21.12
C GLU B 203 -3.14 -15.65 -20.00
N MET B 204 -2.89 -14.41 -19.54
CA MET B 204 -1.95 -14.08 -18.44
C MET B 204 -2.46 -14.69 -17.14
N ILE B 205 -3.74 -14.52 -16.82
CA ILE B 205 -4.40 -15.01 -15.58
C ILE B 205 -4.12 -16.52 -15.44
N GLU B 206 -4.38 -17.29 -16.50
CA GLU B 206 -4.25 -18.76 -16.51
C GLU B 206 -2.81 -19.19 -16.86
N GLY B 207 -1.85 -18.27 -16.90
CA GLY B 207 -0.43 -18.58 -17.20
C GLY B 207 -0.23 -19.16 -18.58
N ARG B 208 -1.21 -19.02 -19.48
CA ARG B 208 -1.08 -19.36 -20.93
C ARG B 208 -0.19 -18.31 -21.61
N THR B 209 0.30 -18.61 -22.82
CA THR B 209 1.22 -17.76 -23.62
C THR B 209 0.49 -16.48 -24.04
N TYR B 210 1.24 -15.37 -24.13
CA TYR B 210 0.77 -13.98 -24.27
C TYR B 210 1.72 -13.26 -25.23
N ASP B 211 1.17 -12.44 -26.14
CA ASP B 211 1.94 -11.61 -27.10
C ASP B 211 1.47 -10.16 -26.94
N GLU B 212 1.83 -9.28 -27.89
CA GLU B 212 1.48 -7.83 -27.82
CA GLU B 212 1.49 -7.83 -27.91
C GLU B 212 -0.03 -7.62 -28.04
N LYS B 213 -0.81 -8.69 -28.20
CA LYS B 213 -2.30 -8.61 -28.23
C LYS B 213 -2.84 -8.36 -26.82
N VAL B 214 -1.98 -8.48 -25.79
CA VAL B 214 -2.33 -8.11 -24.39
C VAL B 214 -2.58 -6.60 -24.34
N ASP B 215 -1.75 -5.82 -25.05
CA ASP B 215 -1.88 -4.34 -25.20
C ASP B 215 -3.34 -3.99 -25.51
N LEU B 216 -3.98 -4.72 -26.43
CA LEU B 216 -5.35 -4.41 -26.92
C LEU B 216 -6.32 -4.50 -25.74
N TRP B 217 -6.23 -5.55 -24.93
CA TRP B 217 -7.09 -5.74 -23.73
C TRP B 217 -6.95 -4.50 -22.85
N CYS B 218 -5.73 -4.12 -22.49
CA CYS B 218 -5.44 -3.03 -21.51
C CYS B 218 -6.08 -1.72 -21.98
N ILE B 219 -5.99 -1.39 -23.26
CA ILE B 219 -6.59 -0.15 -23.83
C ILE B 219 -8.09 -0.16 -23.57
N GLY B 220 -8.73 -1.32 -23.76
CA GLY B 220 -10.15 -1.54 -23.43
C GLY B 220 -10.43 -1.27 -21.96
N VAL B 221 -9.59 -1.81 -21.07
CA VAL B 221 -9.70 -1.59 -19.59
C VAL B 221 -9.52 -0.09 -19.33
N LEU B 222 -8.42 0.49 -19.85
CA LEU B 222 -8.06 1.92 -19.64
C LEU B 222 -9.23 2.80 -20.07
N CYS B 223 -9.82 2.48 -21.22
CA CYS B 223 -10.93 3.30 -21.77
C CYS B 223 -12.10 3.27 -20.79
N TYR B 224 -12.49 2.08 -20.30
CA TYR B 224 -13.60 1.91 -19.32
C TYR B 224 -13.26 2.73 -18.07
N GLU B 225 -12.05 2.58 -17.51
CA GLU B 225 -11.60 3.25 -16.25
C GLU B 225 -11.72 4.77 -16.40
N LEU B 226 -11.14 5.35 -17.44
CA LEU B 226 -11.11 6.83 -17.65
C LEU B 226 -12.56 7.37 -17.66
N LEU B 227 -13.49 6.67 -18.32
CA LEU B 227 -14.89 7.17 -18.53
C LEU B 227 -15.73 6.98 -17.26
N VAL B 228 -15.56 5.85 -16.55
CA VAL B 228 -16.46 5.43 -15.44
C VAL B 228 -15.89 5.89 -14.10
N GLY B 229 -14.56 5.85 -13.94
CA GLY B 229 -13.84 6.25 -12.71
C GLY B 229 -13.17 5.06 -12.02
N TYR B 230 -13.51 3.83 -12.42
CA TYR B 230 -13.02 2.58 -11.78
C TYR B 230 -12.89 1.48 -12.83
N PRO B 231 -12.02 0.46 -12.64
CA PRO B 231 -11.83 -0.59 -13.64
C PRO B 231 -13.06 -1.49 -13.74
N PRO B 232 -13.39 -2.03 -14.93
CA PRO B 232 -14.66 -2.73 -15.14
C PRO B 232 -14.84 -3.97 -14.25
N PHE B 233 -13.77 -4.75 -14.02
CA PHE B 233 -13.84 -6.09 -13.39
C PHE B 233 -13.66 -6.01 -11.86
N GLU B 234 -13.24 -4.86 -11.32
CA GLU B 234 -12.97 -4.70 -9.86
C GLU B 234 -14.26 -5.00 -9.07
N SER B 235 -14.13 -5.50 -7.84
CA SER B 235 -15.26 -5.83 -6.93
C SER B 235 -14.80 -5.69 -5.48
N ALA B 236 -15.43 -6.40 -4.54
CA ALA B 236 -15.00 -6.48 -3.11
C ALA B 236 -14.25 -7.79 -2.87
N SER B 237 -14.65 -8.87 -3.55
CA SER B 237 -14.02 -10.22 -3.49
C SER B 237 -12.97 -10.35 -4.60
N HIS B 238 -11.87 -11.05 -4.34
CA HIS B 238 -10.78 -11.32 -5.31
C HIS B 238 -11.20 -12.47 -6.23
N SER B 239 -11.82 -13.50 -5.66
CA SER B 239 -12.43 -14.64 -6.40
C SER B 239 -13.49 -14.13 -7.38
N GLU B 240 -14.24 -13.08 -7.00
CA GLU B 240 -15.27 -12.41 -7.85
C GLU B 240 -14.56 -11.77 -9.06
N THR B 241 -13.66 -10.81 -8.81
CA THR B 241 -12.84 -10.11 -9.84
C THR B 241 -12.25 -11.16 -10.79
N TYR B 242 -11.79 -12.28 -10.26
CA TYR B 242 -11.18 -13.42 -10.99
C TYR B 242 -12.22 -14.03 -11.94
N ARG B 243 -13.43 -14.30 -11.45
CA ARG B 243 -14.55 -14.92 -12.23
C ARG B 243 -14.98 -13.99 -13.37
N ARG B 244 -15.20 -12.70 -13.07
CA ARG B 244 -15.70 -11.67 -14.02
C ARG B 244 -14.72 -11.51 -15.20
N ILE B 245 -13.41 -11.60 -14.95
CA ILE B 245 -12.37 -11.44 -16.02
C ILE B 245 -12.49 -12.61 -16.99
N LEU B 246 -12.45 -13.85 -16.47
CA LEU B 246 -12.40 -15.10 -17.29
C LEU B 246 -13.70 -15.27 -18.08
N LYS B 247 -14.83 -14.78 -17.56
CA LYS B 247 -16.16 -14.84 -18.24
C LYS B 247 -16.40 -13.53 -19.01
N VAL B 248 -15.40 -12.64 -19.01
CA VAL B 248 -15.43 -11.25 -19.57
C VAL B 248 -16.77 -10.58 -19.23
N ASP B 249 -17.20 -10.67 -17.97
CA ASP B 249 -18.49 -10.13 -17.44
C ASP B 249 -18.38 -8.61 -17.29
N VAL B 250 -18.35 -7.88 -18.41
CA VAL B 250 -18.28 -6.39 -18.47
C VAL B 250 -19.71 -5.86 -18.29
N ARG B 251 -19.91 -4.90 -17.37
CA ARG B 251 -21.24 -4.29 -17.08
C ARG B 251 -21.11 -2.76 -17.16
N PHE B 252 -21.71 -2.17 -18.20
CA PHE B 252 -21.62 -0.73 -18.56
C PHE B 252 -22.72 0.06 -17.86
N PRO B 253 -22.41 1.23 -17.25
CA PRO B 253 -23.43 2.08 -16.64
C PRO B 253 -24.30 2.66 -17.76
N LEU B 254 -25.61 2.75 -17.53
CA LEU B 254 -26.60 3.11 -18.59
C LEU B 254 -26.27 4.52 -19.10
N SER B 255 -25.56 5.33 -18.31
CA SER B 255 -25.07 6.68 -18.67
C SER B 255 -23.96 6.62 -19.73
N MET B 256 -23.40 5.42 -19.99
CA MET B 256 -22.23 5.22 -20.89
C MET B 256 -22.59 5.63 -22.32
N PRO B 257 -21.76 6.47 -22.98
CA PRO B 257 -21.85 6.68 -24.43
C PRO B 257 -21.75 5.38 -25.26
N LEU B 258 -22.62 5.23 -26.27
CA LEU B 258 -22.77 3.98 -27.06
C LEU B 258 -21.49 3.70 -27.85
N GLY B 259 -20.95 4.71 -28.54
CA GLY B 259 -19.67 4.63 -29.26
C GLY B 259 -18.57 3.98 -28.41
N ALA B 260 -18.42 4.40 -27.15
CA ALA B 260 -17.39 3.91 -26.20
C ALA B 260 -17.68 2.45 -25.82
N ARG B 261 -18.89 2.15 -25.37
CA ARG B 261 -19.35 0.77 -25.05
C ARG B 261 -18.95 -0.18 -26.18
N ASP B 262 -19.13 0.24 -27.44
CA ASP B 262 -18.81 -0.55 -28.66
C ASP B 262 -17.32 -0.90 -28.67
N LEU B 263 -16.46 0.12 -28.56
CA LEU B 263 -14.98 -0.02 -28.66
C LEU B 263 -14.49 -1.01 -27.57
N ILE B 264 -14.97 -0.84 -26.34
CA ILE B 264 -14.56 -1.66 -25.15
C ILE B 264 -15.04 -3.10 -25.35
N SER B 265 -16.22 -3.28 -25.95
CA SER B 265 -16.80 -4.61 -26.27
C SER B 265 -15.92 -5.35 -27.27
N ARG B 266 -15.28 -4.62 -28.18
CA ARG B 266 -14.48 -5.21 -29.30
C ARG B 266 -13.03 -5.45 -28.86
N LEU B 267 -12.57 -4.77 -27.80
CA LEU B 267 -11.21 -4.90 -27.22
C LEU B 267 -11.21 -5.97 -26.12
N LEU B 268 -12.12 -5.88 -25.14
CA LEU B 268 -12.28 -6.85 -24.01
C LEU B 268 -12.99 -8.12 -24.50
N ARG B 269 -12.27 -8.97 -25.22
CA ARG B 269 -12.79 -10.28 -25.68
C ARG B 269 -11.82 -11.36 -25.19
N TYR B 270 -12.36 -12.50 -24.73
CA TYR B 270 -11.57 -13.64 -24.20
C TYR B 270 -10.49 -14.02 -25.22
N GLN B 271 -10.89 -14.30 -26.46
CA GLN B 271 -10.00 -14.72 -27.56
C GLN B 271 -9.09 -13.55 -27.94
N PRO B 272 -7.75 -13.67 -27.80
CA PRO B 272 -6.82 -12.63 -28.22
C PRO B 272 -6.90 -12.31 -29.73
N LEU B 273 -7.11 -13.33 -30.56
CA LEU B 273 -6.97 -13.26 -32.05
C LEU B 273 -8.17 -12.51 -32.66
N GLU B 274 -9.22 -12.19 -31.88
CA GLU B 274 -10.40 -11.44 -32.36
C GLU B 274 -10.56 -10.15 -31.55
N ARG B 275 -9.45 -9.51 -31.19
CA ARG B 275 -9.44 -8.21 -30.45
C ARG B 275 -9.14 -7.07 -31.43
N LEU B 276 -9.96 -6.02 -31.43
CA LEU B 276 -9.86 -4.90 -32.40
C LEU B 276 -8.41 -4.44 -32.50
N PRO B 277 -7.71 -4.70 -33.64
CA PRO B 277 -6.33 -4.28 -33.83
C PRO B 277 -6.09 -2.77 -33.73
N LEU B 278 -4.83 -2.36 -33.51
CA LEU B 278 -4.41 -0.96 -33.31
C LEU B 278 -4.89 -0.11 -34.49
N ALA B 279 -4.57 -0.55 -35.72
CA ALA B 279 -4.92 0.15 -36.97
C ALA B 279 -6.40 0.56 -36.96
N GLN B 280 -7.28 -0.26 -36.38
CA GLN B 280 -8.76 -0.08 -36.35
C GLN B 280 -9.24 0.65 -35.09
N ILE B 281 -8.44 0.72 -34.03
CA ILE B 281 -8.76 1.58 -32.84
C ILE B 281 -8.71 3.04 -33.30
N LEU B 282 -7.67 3.37 -34.07
CA LEU B 282 -7.47 4.70 -34.72
C LEU B 282 -8.72 5.03 -35.57
N LYS B 283 -9.17 4.04 -36.36
CA LYS B 283 -10.23 4.21 -37.39
C LYS B 283 -11.62 4.08 -36.76
N HIS B 284 -11.71 3.73 -35.48
CA HIS B 284 -13.02 3.45 -34.83
C HIS B 284 -13.86 4.72 -34.80
N PRO B 285 -15.14 4.65 -35.24
CA PRO B 285 -16.00 5.84 -35.34
C PRO B 285 -15.95 6.76 -34.11
N TRP B 286 -16.10 6.20 -32.90
CA TRP B 286 -16.20 6.95 -31.61
C TRP B 286 -14.94 7.80 -31.37
N VAL B 287 -13.76 7.22 -31.58
CA VAL B 287 -12.44 7.91 -31.47
C VAL B 287 -12.46 9.11 -32.42
N GLN B 288 -12.67 8.83 -33.70
CA GLN B 288 -12.77 9.82 -34.80
C GLN B 288 -13.62 11.00 -34.33
N ALA B 289 -14.76 10.72 -33.69
CA ALA B 289 -15.82 11.70 -33.39
C ALA B 289 -15.43 12.62 -32.22
N HIS B 290 -14.49 12.20 -31.35
CA HIS B 290 -14.23 12.85 -30.03
C HIS B 290 -12.74 13.14 -29.78
N SER B 291 -11.81 12.52 -30.50
CA SER B 291 -10.36 12.77 -30.36
C SER B 291 -10.05 14.20 -30.80
N ARG B 292 -9.26 14.93 -30.02
CA ARG B 292 -8.72 16.28 -30.37
C ARG B 292 -7.19 16.23 -30.32
N ARG B 293 -6.60 15.15 -30.80
N ARG B 293 -6.59 15.15 -30.83
CA ARG B 293 -5.13 14.93 -30.79
CA ARG B 293 -5.13 14.91 -30.83
C ARG B 293 -4.44 15.97 -31.68
C ARG B 293 -4.43 15.95 -31.70
N VAL B 294 -3.38 16.59 -31.16
CA VAL B 294 -2.54 17.57 -31.89
C VAL B 294 -1.10 17.44 -31.40
N LEU B 295 -0.17 17.18 -32.32
CA LEU B 295 1.29 17.08 -32.06
C LEU B 295 1.75 18.33 -31.31
N PRO B 296 2.63 18.17 -30.31
CA PRO B 296 3.24 19.34 -29.66
C PRO B 296 4.30 19.97 -30.56
N PRO B 297 4.58 21.29 -30.41
CA PRO B 297 5.59 21.97 -31.22
C PRO B 297 6.99 21.33 -31.17
N CYS B 298 7.61 21.15 -32.35
CA CYS B 298 9.05 20.81 -32.55
C CYS B 298 9.79 22.03 -33.11
N ALA B 299 11.12 21.94 -33.21
CA ALA B 299 11.98 22.92 -33.88
C ALA B 299 12.51 22.31 -35.17
N GLN B 300 13.08 23.14 -36.05
CA GLN B 300 13.85 22.74 -37.27
C GLN B 300 12.99 21.83 -38.14
N PRO C 8 -4.60 -23.01 -5.12
CA PRO C 8 -3.18 -23.28 -5.42
C PRO C 8 -2.24 -22.50 -4.49
N ILE C 9 -2.32 -22.77 -3.18
CA ILE C 9 -1.49 -22.16 -2.10
C ILE C 9 -0.05 -22.70 -2.21
N PRO C 10 1.00 -21.84 -2.18
CA PRO C 10 2.37 -22.31 -2.31
C PRO C 10 2.74 -23.21 -1.12
N THR C 11 3.64 -24.18 -1.33
CA THR C 11 3.99 -25.26 -0.36
C THR C 11 4.41 -24.66 0.99
N TRP C 12 5.18 -23.56 0.96
CA TRP C 12 5.84 -22.96 2.16
C TRP C 12 4.80 -22.40 3.14
N ALA C 13 3.65 -21.94 2.64
CA ALA C 13 2.61 -21.22 3.43
C ALA C 13 1.50 -22.19 3.87
N ARG C 14 1.84 -23.46 4.13
CA ARG C 14 0.89 -24.54 4.48
C ARG C 14 1.64 -25.65 5.23
N GLY C 15 0.91 -26.43 6.05
CA GLY C 15 1.38 -27.68 6.70
C GLY C 15 2.74 -27.55 7.37
N THR C 16 3.56 -28.61 7.29
CA THR C 16 4.89 -28.74 7.96
C THR C 16 5.79 -27.58 7.55
N PRO C 17 5.98 -27.31 6.23
CA PRO C 17 6.94 -26.31 5.77
C PRO C 17 6.79 -24.96 6.48
N LEU C 18 5.55 -24.54 6.79
CA LEU C 18 5.25 -23.25 7.48
C LEU C 18 5.57 -23.37 8.98
N SER C 19 5.04 -24.38 9.67
CA SER C 19 5.26 -24.56 11.14
C SER C 19 6.75 -24.63 11.45
N GLN C 20 7.51 -25.35 10.63
CA GLN C 20 9.00 -25.42 10.67
C GLN C 20 9.60 -24.00 10.52
N ALA C 21 9.11 -23.21 9.56
CA ALA C 21 9.61 -21.85 9.22
C ALA C 21 9.29 -20.87 10.36
N ILE C 22 8.11 -21.00 10.97
CA ILE C 22 7.65 -20.15 12.09
C ILE C 22 8.50 -20.47 13.33
N ILE C 23 8.66 -21.76 13.62
CA ILE C 23 9.47 -22.30 14.75
C ILE C 23 10.89 -21.71 14.65
N HIS C 24 11.53 -21.83 13.49
CA HIS C 24 12.88 -21.24 13.24
C HIS C 24 12.84 -19.73 13.45
N GLN C 25 11.84 -19.05 12.90
CA GLN C 25 11.72 -17.57 12.98
C GLN C 25 11.54 -17.11 14.44
N TYR C 26 10.88 -17.94 15.27
CA TYR C 26 10.57 -17.60 16.67
C TYR C 26 11.83 -17.71 17.53
N TYR C 27 12.55 -18.84 17.46
CA TYR C 27 13.68 -19.19 18.35
C TYR C 27 14.99 -18.62 17.81
N HIS C 28 15.03 -18.20 16.53
CA HIS C 28 16.25 -17.66 15.88
C HIS C 28 15.90 -16.47 15.00
N PRO C 29 15.29 -15.41 15.60
CA PRO C 29 14.81 -14.28 14.81
C PRO C 29 16.00 -13.49 14.27
N PRO C 30 15.80 -12.66 13.21
CA PRO C 30 16.89 -11.88 12.64
C PRO C 30 16.93 -10.50 13.31
N ASN C 31 18.00 -9.75 13.07
CA ASN C 31 18.08 -8.30 13.40
C ASN C 31 17.03 -7.58 12.53
N LEU C 32 16.01 -6.99 13.15
CA LEU C 32 14.85 -6.34 12.48
C LEU C 32 15.28 -5.00 11.88
N LEU C 33 16.10 -4.22 12.59
CA LEU C 33 16.61 -2.89 12.16
C LEU C 33 17.36 -3.00 10.83
N GLU C 34 18.06 -4.11 10.59
CA GLU C 34 18.87 -4.32 9.36
C GLU C 34 17.98 -4.85 8.23
N LEU C 35 16.94 -5.62 8.59
CA LEU C 35 16.02 -6.28 7.63
C LEU C 35 15.04 -5.24 7.04
N PHE C 36 14.47 -4.35 7.85
CA PHE C 36 13.37 -3.43 7.45
C PHE C 36 13.76 -1.95 7.57
N GLY C 37 14.94 -1.64 8.08
CA GLY C 37 15.42 -0.25 8.19
C GLY C 37 14.59 0.57 9.17
N THR C 38 14.91 1.86 9.26
CA THR C 38 14.29 2.84 10.19
C THR C 38 12.96 3.34 9.61
N ILE C 39 11.88 3.28 10.38
CA ILE C 39 10.52 3.72 9.97
C ILE C 39 10.52 5.25 9.85
N LEU C 40 10.46 5.79 8.63
CA LEU C 40 10.56 7.25 8.37
C LEU C 40 9.16 7.85 8.43
N PRO C 41 9.01 9.13 8.86
CA PRO C 41 7.68 9.72 9.05
C PRO C 41 6.84 9.70 7.77
N LEU C 42 5.54 9.43 7.92
CA LEU C 42 4.53 9.35 6.82
C LEU C 42 4.32 10.73 6.18
N ASP C 43 4.73 10.86 4.92
CA ASP C 43 4.63 12.11 4.10
C ASP C 43 3.22 12.17 3.48
N LEU C 44 2.31 12.93 4.09
CA LEU C 44 0.85 12.94 3.74
C LEU C 44 0.63 13.59 2.35
N GLU C 45 1.36 14.67 2.06
CA GLU C 45 1.28 15.37 0.74
C GLU C 45 1.72 14.40 -0.37
N ASP C 46 2.72 13.57 -0.10
CA ASP C 46 3.32 12.61 -1.08
C ASP C 46 2.36 11.43 -1.30
N ILE C 47 1.60 11.03 -0.28
CA ILE C 47 0.82 9.76 -0.25
C ILE C 47 -0.64 10.01 -0.64
N PHE C 48 -1.27 11.08 -0.16
CA PHE C 48 -2.75 11.28 -0.32
C PHE C 48 -3.06 12.48 -1.22
N LYS C 49 -4.32 12.55 -1.68
CA LYS C 49 -4.84 13.61 -2.58
C LYS C 49 -5.17 14.86 -1.76
N LYS C 50 -5.58 15.95 -2.42
CA LYS C 50 -5.89 17.28 -1.81
C LYS C 50 -4.61 17.92 -1.26
N PRO D 8 12.48 25.91 1.25
CA PRO D 8 13.18 27.03 0.60
C PRO D 8 13.33 26.81 -0.92
N ILE D 9 12.22 26.66 -1.62
CA ILE D 9 12.15 26.41 -3.10
C ILE D 9 12.50 27.69 -3.84
N PRO D 10 13.40 27.66 -4.86
CA PRO D 10 13.77 28.89 -5.57
C PRO D 10 12.55 29.44 -6.34
N THR D 11 12.49 30.75 -6.56
CA THR D 11 11.31 31.47 -7.11
C THR D 11 10.94 30.90 -8.49
N TRP D 12 11.92 30.52 -9.32
CA TRP D 12 11.72 30.08 -10.72
C TRP D 12 10.91 28.77 -10.79
N ALA D 13 11.05 27.90 -9.78
CA ALA D 13 10.47 26.53 -9.75
C ALA D 13 9.14 26.52 -9.00
N ARG D 14 8.38 27.61 -9.05
CA ARG D 14 7.10 27.80 -8.30
C ARG D 14 6.27 28.87 -8.99
N GLY D 15 4.95 28.88 -8.77
CA GLY D 15 4.00 29.95 -9.16
C GLY D 15 4.14 30.39 -10.60
N THR D 16 3.95 31.69 -10.87
CA THR D 16 3.92 32.26 -12.25
C THR D 16 5.26 32.04 -12.93
N PRO D 17 6.41 32.33 -12.29
CA PRO D 17 7.71 32.21 -12.96
C PRO D 17 7.92 30.87 -13.68
N LEU D 18 7.42 29.78 -13.10
CA LEU D 18 7.52 28.40 -13.68
C LEU D 18 6.53 28.22 -14.83
N SER D 19 5.23 28.52 -14.62
CA SER D 19 4.17 28.34 -15.64
C SER D 19 4.52 29.14 -16.90
N GLN D 20 5.03 30.37 -16.72
CA GLN D 20 5.57 31.24 -17.81
C GLN D 20 6.71 30.53 -18.53
N ALA D 21 7.65 29.92 -17.79
CA ALA D 21 8.86 29.23 -18.34
C ALA D 21 8.45 27.96 -19.09
N ILE D 22 7.46 27.23 -18.58
CA ILE D 22 6.94 25.98 -19.22
C ILE D 22 6.21 26.35 -20.52
N ILE D 23 5.34 27.36 -20.44
CA ILE D 23 4.56 27.91 -21.59
C ILE D 23 5.53 28.29 -22.71
N HIS D 24 6.58 29.06 -22.40
CA HIS D 24 7.65 29.43 -23.37
C HIS D 24 8.32 28.17 -23.91
N GLN D 25 8.68 27.23 -23.04
CA GLN D 25 9.40 25.99 -23.43
C GLN D 25 8.52 25.13 -24.37
N TYR D 26 7.19 25.18 -24.18
CA TYR D 26 6.23 24.33 -24.95
C TYR D 26 6.08 24.88 -26.37
N TYR D 27 5.79 26.19 -26.51
CA TYR D 27 5.43 26.84 -27.78
C TYR D 27 6.68 27.32 -28.54
N HIS D 28 7.84 27.38 -27.87
CA HIS D 28 9.11 27.85 -28.49
C HIS D 28 10.27 26.96 -28.04
N PRO D 29 10.18 25.63 -28.28
CA PRO D 29 11.19 24.70 -27.77
C PRO D 29 12.51 24.92 -28.49
N PRO D 30 13.65 24.47 -27.90
CA PRO D 30 14.94 24.63 -28.54
C PRO D 30 15.27 23.41 -29.40
N ASN D 31 16.32 23.49 -30.20
CA ASN D 31 16.91 22.31 -30.89
C ASN D 31 17.49 21.39 -29.79
N LEU D 32 16.93 20.19 -29.65
CA LEU D 32 17.28 19.22 -28.58
C LEU D 32 18.63 18.55 -28.87
N LEU D 33 18.90 18.22 -30.14
CA LEU D 33 20.16 17.56 -30.58
C LEU D 33 21.37 18.43 -30.22
N GLU D 34 21.23 19.76 -30.26
CA GLU D 34 22.34 20.71 -30.00
C GLU D 34 22.46 20.94 -28.48
N LEU D 35 21.34 20.86 -27.76
CA LEU D 35 21.26 21.14 -26.31
C LEU D 35 21.84 19.96 -25.51
N PHE D 36 21.51 18.71 -25.87
CA PHE D 36 21.85 17.49 -25.10
C PHE D 36 22.77 16.53 -25.87
N GLY D 37 23.08 16.80 -27.14
CA GLY D 37 23.97 15.94 -27.94
C GLY D 37 23.35 14.57 -28.19
N THR D 38 24.12 13.67 -28.82
CA THR D 38 23.69 12.28 -29.15
C THR D 38 23.89 11.39 -27.91
N ILE D 39 22.85 10.62 -27.58
CA ILE D 39 22.85 9.60 -26.50
C ILE D 39 23.81 8.47 -26.90
N LEU D 40 24.93 8.33 -26.19
CA LEU D 40 26.00 7.34 -26.47
C LEU D 40 25.65 6.02 -25.78
N PRO D 41 26.05 4.86 -26.33
CA PRO D 41 25.75 3.56 -25.72
C PRO D 41 26.26 3.46 -24.27
N LEU D 42 25.47 2.86 -23.39
CA LEU D 42 25.79 2.70 -21.94
C LEU D 42 26.95 1.71 -21.76
N ASP D 43 28.09 2.21 -21.28
CA ASP D 43 29.34 1.44 -21.05
C ASP D 43 29.25 0.78 -19.67
N LEU D 44 28.90 -0.52 -19.62
CA LEU D 44 28.56 -1.25 -18.37
C LEU D 44 29.81 -1.46 -17.50
N GLU D 45 30.96 -1.78 -18.13
CA GLU D 45 32.25 -1.98 -17.42
C GLU D 45 32.64 -0.66 -16.74
N ASP D 46 32.38 0.48 -17.40
CA ASP D 46 32.76 1.84 -16.93
C ASP D 46 31.85 2.27 -15.76
N ILE D 47 30.59 1.84 -15.77
CA ILE D 47 29.52 2.37 -14.88
C ILE D 47 29.33 1.45 -13.66
N PHE D 48 29.34 0.13 -13.82
CA PHE D 48 28.95 -0.82 -12.75
C PHE D 48 30.13 -1.67 -12.28
N LYS D 49 29.93 -2.38 -11.17
CA LYS D 49 30.91 -3.29 -10.51
C LYS D 49 30.99 -4.61 -11.28
N LYS D 50 31.89 -5.51 -10.85
CA LYS D 50 32.23 -6.79 -11.52
C LYS D 50 33.08 -6.51 -12.76
N SER D 51 33.52 -5.26 -12.95
CA SER D 51 34.44 -4.83 -14.05
C SER D 51 35.78 -5.58 -13.91
#